data_5WW9
#
_entry.id   5WW9
#
_cell.length_a   90.950
_cell.length_b   90.950
_cell.length_c   421.065
_cell.angle_alpha   90.00
_cell.angle_beta   90.00
_cell.angle_gamma   120.00
#
_symmetry.space_group_name_H-M   'H 3 2'
#
loop_
_entity.id
_entity.type
_entity.pdbx_description
1 polymer 'Putative starvation-induced DNA protecting protein/Ferritin and Dps'
2 non-polymer 'MAGNESIUM ION'
3 non-polymer 'CHLORIDE ION'
4 non-polymer 'FE (III) ION'
5 water water
#
_entity_poly.entity_id   1
_entity_poly.type   'polypeptide(L)'
_entity_poly.pdbx_seq_one_letter_code
;MSARRTESDIQGFHATPEFGGNLQKVLVDLIELSLQGKQAHWNVVGSNFRDLHLQLDELVDFAREGSDTIAEEMRALDAV
PDGRSDTVAATTTLPEFPAFERSTADVVDLITTRINATVDTIRRVHDAVDAEDPSTADLLHGLIDGLEKQAWLIRSENRK
V
;
_entity_poly.pdbx_strand_id   A,B,C,D
#
loop_
_chem_comp.id
_chem_comp.type
_chem_comp.name
_chem_comp.formula
CL non-polymer 'CHLORIDE ION' 'Cl -1'
FE non-polymer 'FE (III) ION' 'Fe 3'
MG non-polymer 'MAGNESIUM ION' 'Mg 2'
#
# COMPACT_ATOMS: atom_id res chain seq x y z
N MET A 1 -9.25 31.25 -15.85
CA MET A 1 -8.12 30.80 -16.71
C MET A 1 -7.75 29.33 -16.44
N SER A 2 -6.59 28.90 -16.96
CA SER A 2 -6.13 27.51 -16.85
C SER A 2 -4.67 27.44 -16.41
N ALA A 3 -4.46 26.90 -15.21
CA ALA A 3 -3.11 26.66 -14.68
C ALA A 3 -2.55 25.29 -15.12
N ARG A 4 -3.32 24.56 -15.93
CA ARG A 4 -2.98 23.18 -16.33
C ARG A 4 -1.71 23.13 -17.20
N ARG A 5 -0.80 22.23 -16.85
CA ARG A 5 0.44 22.03 -17.60
C ARG A 5 0.20 21.31 -18.92
N THR A 6 1.12 21.48 -19.86
CA THR A 6 0.92 21.01 -21.23
C THR A 6 1.52 19.64 -21.57
N GLU A 7 2.64 19.28 -20.94
CA GLU A 7 3.41 18.07 -21.31
C GLU A 7 2.64 16.78 -21.06
N SER A 8 2.77 15.83 -21.98
CA SER A 8 2.11 14.51 -21.85
C SER A 8 3.04 13.45 -21.25
N ASP A 9 4.35 13.72 -21.28
CA ASP A 9 5.34 12.85 -20.65
C ASP A 9 6.09 13.61 -19.55
N ILE A 10 5.34 14.07 -18.53
CA ILE A 10 5.89 14.72 -17.34
C ILE A 10 6.68 13.68 -16.53
N GLN A 11 7.95 14.00 -16.29
CA GLN A 11 8.88 13.09 -15.67
C GLN A 11 8.76 13.07 -14.16
N GLY A 12 8.95 11.88 -13.59
CA GLY A 12 9.11 11.72 -12.15
C GLY A 12 10.50 12.11 -11.71
N PHE A 13 10.69 12.22 -10.40
CA PHE A 13 11.97 12.57 -9.77
C PHE A 13 13.09 11.62 -10.22
N HIS A 14 14.23 12.19 -10.61
CA HIS A 14 15.38 11.40 -11.07
C HIS A 14 16.48 11.26 -10.02
N ALA A 15 16.77 10.01 -9.65
CA ALA A 15 17.70 9.65 -8.56
C ALA A 15 19.09 9.23 -9.06
N THR A 16 20.13 9.78 -8.44
CA THR A 16 21.54 9.51 -8.83
C THR A 16 21.90 8.05 -8.56
N PRO A 17 22.91 7.49 -9.28
CA PRO A 17 23.42 6.15 -8.94
C PRO A 17 23.89 6.04 -7.49
N GLU A 18 24.36 7.16 -6.93
CA GLU A 18 24.77 7.24 -5.52
C GLU A 18 23.58 6.99 -4.57
N PHE A 19 22.41 7.52 -4.93
CA PHE A 19 21.20 7.34 -4.13
C PHE A 19 20.83 5.86 -4.03
N GLY A 20 20.79 5.19 -5.18
CA GLY A 20 20.48 3.76 -5.24
C GLY A 20 21.47 2.91 -4.46
N GLY A 21 22.75 3.23 -4.62
CA GLY A 21 23.82 2.55 -3.91
C GLY A 21 23.70 2.72 -2.39
N ASN A 22 23.22 3.88 -1.96
CA ASN A 22 23.03 4.13 -0.54
C ASN A 22 21.89 3.32 0.08
N LEU A 23 20.77 3.22 -0.62
CA LEU A 23 19.65 2.41 -0.15
C LEU A 23 19.98 0.92 -0.22
N GLN A 24 20.78 0.55 -1.23
CA GLN A 24 21.25 -0.84 -1.37
C GLN A 24 22.03 -1.29 -0.12
N LYS A 25 22.88 -0.40 0.40
CA LYS A 25 23.63 -0.66 1.66
C LYS A 25 22.67 -0.91 2.84
N VAL A 26 21.61 -0.11 2.91
CA VAL A 26 20.58 -0.27 3.95
C VAL A 26 19.84 -1.60 3.74
N LEU A 27 19.48 -1.88 2.49
CA LEU A 27 18.74 -3.09 2.15
C LEU A 27 19.44 -4.36 2.65
N VAL A 28 20.71 -4.54 2.31
CA VAL A 28 21.41 -5.79 2.67
C VAL A 28 21.57 -6.02 4.17
N ASP A 29 21.74 -4.94 4.93
CA ASP A 29 21.87 -5.07 6.38
C ASP A 29 20.55 -5.39 7.07
N LEU A 30 19.45 -4.88 6.53
CA LEU A 30 18.12 -5.24 7.02
C LEU A 30 17.75 -6.70 6.74
N ILE A 31 18.05 -7.17 5.53
CA ILE A 31 17.84 -8.58 5.17
C ILE A 31 18.72 -9.48 6.06
N GLU A 32 19.99 -9.15 6.18
CA GLU A 32 20.90 -9.87 7.06
C GLU A 32 20.44 -9.88 8.51
N LEU A 33 19.99 -8.72 9.00
CA LEU A 33 19.41 -8.63 10.33
C LEU A 33 18.22 -9.60 10.50
N SER A 34 17.36 -9.67 9.48
CA SER A 34 16.17 -10.53 9.51
CA SER A 34 16.17 -10.53 9.56
C SER A 34 16.55 -12.01 9.55
N LEU A 35 17.59 -12.38 8.78
CA LEU A 35 18.06 -13.76 8.72
C LEU A 35 18.71 -14.17 10.04
N GLN A 36 19.54 -13.28 10.59
CA GLN A 36 20.18 -13.49 11.90
C GLN A 36 19.16 -13.52 13.04
N GLY A 37 18.15 -12.66 12.94
CA GLY A 37 17.05 -12.63 13.91
C GLY A 37 16.31 -13.96 14.00
N LYS A 38 16.03 -14.57 12.85
CA LYS A 38 15.39 -15.90 12.83
C LYS A 38 16.30 -16.98 13.40
N GLN A 39 17.58 -16.96 12.99
CA GLN A 39 18.62 -17.88 13.50
C GLN A 39 18.66 -17.86 15.04
N ALA A 40 18.72 -16.64 15.60
CA ALA A 40 18.70 -16.44 17.06
C ALA A 40 17.40 -16.95 17.69
N HIS A 41 16.29 -16.63 17.03
CA HIS A 41 14.93 -17.02 17.45
C HIS A 41 14.80 -18.55 17.60
N TRP A 42 15.34 -19.29 16.63
CA TRP A 42 15.36 -20.76 16.65
C TRP A 42 16.32 -21.34 17.66
N ASN A 43 17.50 -20.72 17.77
CA ASN A 43 18.64 -21.35 18.44
C ASN A 43 19.00 -20.91 19.85
N VAL A 44 18.26 -19.91 20.35
CA VAL A 44 18.44 -19.42 21.73
C VAL A 44 17.92 -20.44 22.75
N VAL A 45 18.71 -20.71 23.78
CA VAL A 45 18.27 -21.53 24.93
C VAL A 45 18.75 -20.87 26.21
N GLY A 46 18.05 -21.17 27.30
CA GLY A 46 18.51 -20.77 28.63
C GLY A 46 17.50 -19.91 29.35
N SER A 47 17.97 -19.26 30.42
CA SER A 47 17.11 -18.44 31.27
CA SER A 47 17.13 -18.42 31.27
C SER A 47 16.38 -17.38 30.45
N ASN A 48 15.06 -17.34 30.59
CA ASN A 48 14.19 -16.40 29.87
C ASN A 48 14.14 -16.62 28.35
N PHE A 49 14.26 -17.90 27.96
CA PHE A 49 14.09 -18.33 26.58
C PHE A 49 12.89 -17.68 25.88
N ARG A 50 11.71 -17.80 26.49
CA ARG A 50 10.46 -17.50 25.79
C ARG A 50 10.38 -16.03 25.40
N ASP A 51 10.69 -15.13 26.33
CA ASP A 51 10.66 -13.69 26.08
C ASP A 51 11.54 -13.32 24.89
N LEU A 52 12.78 -13.85 24.86
CA LEU A 52 13.71 -13.48 23.79
C LEU A 52 13.28 -14.06 22.46
N HIS A 53 12.86 -15.33 22.49
CA HIS A 53 12.29 -16.03 21.35
C HIS A 53 11.17 -15.19 20.72
N LEU A 54 10.27 -14.66 21.56
CA LEU A 54 9.17 -13.82 21.08
C LEU A 54 9.62 -12.45 20.57
N GLN A 55 10.45 -11.75 21.35
CA GLN A 55 10.97 -10.44 20.95
C GLN A 55 11.75 -10.50 19.63
N LEU A 56 12.52 -11.58 19.45
CA LEU A 56 13.30 -11.78 18.22
C LEU A 56 12.42 -11.85 16.98
N ASP A 57 11.24 -12.46 17.10
CA ASP A 57 10.27 -12.47 16.00
C ASP A 57 9.72 -11.09 15.64
N GLU A 58 9.47 -10.27 16.67
CA GLU A 58 9.05 -8.89 16.47
C GLU A 58 10.12 -8.09 15.74
N LEU A 59 11.38 -8.29 16.12
CA LEU A 59 12.50 -7.68 15.43
C LEU A 59 12.54 -8.09 13.95
N VAL A 60 12.43 -9.39 13.69
CA VAL A 60 12.41 -9.94 12.32
C VAL A 60 11.29 -9.30 11.50
N ASP A 61 10.10 -9.18 12.09
CA ASP A 61 8.95 -8.55 11.44
C ASP A 61 9.24 -7.11 11.04
N PHE A 62 9.82 -6.36 11.96
CA PHE A 62 10.18 -4.96 11.69
C PHE A 62 11.21 -4.87 10.57
N ALA A 63 12.24 -5.71 10.66
CA ALA A 63 13.33 -5.74 9.68
C ALA A 63 12.86 -6.17 8.27
N ARG A 64 11.94 -7.15 8.22
CA ARG A 64 11.35 -7.57 6.96
C ARG A 64 10.51 -6.47 6.28
N GLU A 65 9.66 -5.80 7.06
CA GLU A 65 8.86 -4.65 6.56
C GLU A 65 9.78 -3.52 6.10
N GLY A 66 10.85 -3.31 6.86
CA GLY A 66 11.88 -2.34 6.52
C GLY A 66 12.55 -2.60 5.18
N SER A 67 13.02 -3.83 4.98
CA SER A 67 13.74 -4.17 3.76
C SER A 67 12.82 -4.02 2.54
N ASP A 68 11.58 -4.48 2.67
CA ASP A 68 10.57 -4.29 1.63
C ASP A 68 10.33 -2.80 1.31
N THR A 69 10.17 -1.98 2.35
CA THR A 69 10.06 -0.53 2.19
C THR A 69 11.23 0.06 1.41
N ILE A 70 12.46 -0.22 1.84
CA ILE A 70 13.67 0.27 1.18
C ILE A 70 13.72 -0.18 -0.29
N ALA A 71 13.49 -1.47 -0.54
CA ALA A 71 13.53 -1.99 -1.91
C ALA A 71 12.50 -1.32 -2.81
N GLU A 72 11.32 -1.05 -2.27
CA GLU A 72 10.25 -0.40 -3.03
C GLU A 72 10.54 1.08 -3.27
N GLU A 73 11.18 1.72 -2.29
CA GLU A 73 11.68 3.08 -2.47
C GLU A 73 12.71 3.18 -3.58
N MET A 74 13.56 2.15 -3.69
CA MET A 74 14.50 2.04 -4.80
C MET A 74 13.75 1.97 -6.13
N ARG A 75 12.78 1.05 -6.21
CA ARG A 75 11.97 0.86 -7.43
C ARG A 75 11.21 2.12 -7.84
N ALA A 76 10.59 2.80 -6.86
CA ALA A 76 9.88 4.04 -7.14
C ALA A 76 10.75 5.07 -7.85
N LEU A 77 12.03 5.10 -7.53
CA LEU A 77 12.96 6.06 -8.10
C LEU A 77 13.93 5.45 -9.11
N ASP A 78 13.50 4.33 -9.70
CA ASP A 78 14.17 3.63 -10.80
C ASP A 78 15.54 3.04 -10.46
N ALA A 79 15.78 2.78 -9.17
CA ALA A 79 16.92 2.00 -8.73
C ALA A 79 16.47 0.54 -8.68
N VAL A 80 17.44 -0.37 -8.71
CA VAL A 80 17.16 -1.81 -8.81
C VAL A 80 17.79 -2.53 -7.62
N PRO A 81 16.97 -2.96 -6.64
CA PRO A 81 17.45 -3.62 -5.43
C PRO A 81 18.04 -5.00 -5.73
N ASP A 82 19.02 -5.41 -4.92
CA ASP A 82 19.52 -6.76 -4.95
C ASP A 82 19.52 -7.32 -3.53
N GLY A 83 18.52 -8.17 -3.26
CA GLY A 83 18.37 -8.84 -1.97
C GLY A 83 18.67 -10.34 -1.99
N ARG A 84 19.39 -10.79 -3.02
CA ARG A 84 19.75 -12.19 -3.21
C ARG A 84 20.76 -12.66 -2.17
N SER A 85 20.68 -13.94 -1.79
CA SER A 85 21.51 -14.50 -0.70
C SER A 85 23.00 -14.24 -0.87
N ASP A 86 23.51 -14.46 -2.08
CA ASP A 86 24.94 -14.26 -2.37
C ASP A 86 25.40 -12.84 -2.10
N THR A 87 24.61 -11.86 -2.56
CA THR A 87 24.92 -10.45 -2.41
C THR A 87 24.85 -10.03 -0.94
N VAL A 88 23.81 -10.48 -0.24
CA VAL A 88 23.65 -10.19 1.18
C VAL A 88 24.87 -10.71 1.93
N ALA A 89 25.24 -11.97 1.72
CA ALA A 89 26.42 -12.54 2.39
C ALA A 89 27.72 -11.77 2.08
N ALA A 90 27.90 -11.41 0.80
CA ALA A 90 29.13 -10.75 0.34
C ALA A 90 29.26 -9.27 0.72
N THR A 91 28.13 -8.61 0.96
CA THR A 91 28.13 -7.14 1.14
C THR A 91 27.57 -6.62 2.47
N THR A 92 26.97 -7.49 3.29
CA THR A 92 26.51 -7.05 4.61
C THR A 92 27.68 -6.59 5.50
N THR A 93 27.45 -5.53 6.28
CA THR A 93 28.46 -5.03 7.23
C THR A 93 28.31 -5.65 8.62
N LEU A 94 27.22 -6.40 8.84
CA LEU A 94 26.99 -7.05 10.13
C LEU A 94 27.99 -8.20 10.36
N PRO A 95 28.51 -8.35 11.61
CA PRO A 95 29.28 -9.57 11.91
C PRO A 95 28.34 -10.75 11.80
N GLU A 96 28.84 -11.90 11.34
CA GLU A 96 27.92 -13.03 11.16
C GLU A 96 27.43 -13.60 12.48
N PHE A 97 26.19 -14.09 12.48
CA PHE A 97 25.67 -14.73 13.68
C PHE A 97 26.40 -16.06 13.82
N PRO A 98 26.85 -16.39 15.04
CA PRO A 98 27.55 -17.67 15.21
C PRO A 98 26.63 -18.87 14.99
N ALA A 99 27.24 -20.03 14.73
CA ALA A 99 26.49 -21.24 14.46
C ALA A 99 26.05 -21.86 15.78
N PHE A 100 25.06 -22.76 15.70
CA PHE A 100 24.60 -23.61 16.82
C PHE A 100 23.86 -22.81 17.89
N GLU A 101 23.51 -23.48 18.98
CA GLU A 101 22.78 -22.83 20.06
C GLU A 101 23.62 -21.76 20.73
N ARG A 102 22.93 -20.74 21.23
CA ARG A 102 23.57 -19.71 22.03
C ARG A 102 22.70 -19.43 23.24
N SER A 103 23.33 -19.05 24.35
CA SER A 103 22.62 -18.74 25.57
C SER A 103 21.80 -17.47 25.37
N THR A 104 20.71 -17.34 26.13
CA THR A 104 19.93 -16.10 26.15
C THR A 104 20.81 -14.87 26.33
N ALA A 105 21.66 -14.90 27.36
CA ALA A 105 22.62 -13.82 27.63
C ALA A 105 23.46 -13.48 26.39
N ASP A 106 24.00 -14.50 25.73
CA ASP A 106 24.84 -14.26 24.54
C ASP A 106 24.03 -13.72 23.38
N VAL A 107 22.85 -14.28 23.16
CA VAL A 107 21.94 -13.86 22.08
C VAL A 107 21.57 -12.37 22.26
N VAL A 108 21.29 -11.99 23.51
CA VAL A 108 21.02 -10.60 23.86
C VAL A 108 22.14 -9.70 23.34
N ASP A 109 23.39 -9.99 23.72
CA ASP A 109 24.53 -9.15 23.32
C ASP A 109 24.76 -9.13 21.80
N LEU A 110 24.66 -10.30 21.20
CA LEU A 110 24.91 -10.46 19.77
C LEU A 110 23.91 -9.66 18.94
N ILE A 111 22.63 -9.88 19.21
CA ILE A 111 21.55 -9.28 18.42
C ILE A 111 21.51 -7.77 18.64
N THR A 112 21.67 -7.31 19.88
CA THR A 112 21.82 -5.87 20.17
C THR A 112 22.93 -5.25 19.30
N THR A 113 24.09 -5.91 19.24
CA THR A 113 25.21 -5.47 18.39
C THR A 113 24.84 -5.44 16.90
N ARG A 114 24.11 -6.43 16.42
CA ARG A 114 23.65 -6.45 15.03
C ARG A 114 22.64 -5.33 14.70
N ILE A 115 21.74 -5.02 15.63
CA ILE A 115 20.87 -3.83 15.51
C ILE A 115 21.73 -2.54 15.47
N ASN A 116 22.69 -2.42 16.38
CA ASN A 116 23.62 -1.27 16.42
C ASN A 116 24.29 -1.06 15.05
N ALA A 117 24.84 -2.15 14.52
CA ALA A 117 25.43 -2.16 13.17
C ALA A 117 24.45 -1.75 12.07
N THR A 118 23.22 -2.26 12.12
CA THR A 118 22.19 -1.92 11.12
C THR A 118 21.83 -0.42 11.15
N VAL A 119 21.61 0.10 12.36
CA VAL A 119 21.37 1.54 12.56
C VAL A 119 22.59 2.37 12.12
N ASP A 120 23.80 1.91 12.45
CA ASP A 120 25.04 2.57 11.99
C ASP A 120 25.05 2.78 10.47
N THR A 121 24.60 1.77 9.71
CA THR A 121 24.57 1.83 8.25
C THR A 121 23.64 2.95 7.78
N ILE A 122 22.44 3.00 8.38
CA ILE A 122 21.43 4.01 8.04
C ILE A 122 21.96 5.42 8.34
N ARG A 123 22.57 5.58 9.51
CA ARG A 123 23.23 6.82 9.89
C ARG A 123 24.37 7.19 8.92
N ARG A 124 25.10 6.20 8.42
CA ARG A 124 26.23 6.44 7.48
C ARG A 124 25.79 7.03 6.14
N VAL A 125 24.63 6.60 5.67
CA VAL A 125 24.10 7.05 4.37
C VAL A 125 23.15 8.25 4.51
N HIS A 126 22.71 8.53 5.75
CA HIS A 126 21.60 9.45 6.04
C HIS A 126 21.75 10.83 5.39
N ASP A 127 22.88 11.49 5.65
CA ASP A 127 23.08 12.87 5.18
C ASP A 127 23.00 12.98 3.66
N ALA A 128 23.66 12.07 2.95
CA ALA A 128 23.63 12.03 1.48
C ALA A 128 22.23 11.75 0.93
N VAL A 129 21.51 10.84 1.58
CA VAL A 129 20.11 10.55 1.23
C VAL A 129 19.20 11.77 1.48
N ASP A 130 19.35 12.41 2.63
CA ASP A 130 18.53 13.57 3.00
C ASP A 130 18.73 14.77 2.05
N ALA A 131 19.99 15.01 1.65
CA ALA A 131 20.32 16.09 0.71
C ALA A 131 19.67 15.90 -0.66
N GLU A 132 19.69 14.66 -1.17
CA GLU A 132 19.08 14.35 -2.45
C GLU A 132 17.55 14.22 -2.37
N ASP A 133 17.06 13.58 -1.32
CA ASP A 133 15.63 13.34 -1.18
C ASP A 133 15.17 13.27 0.28
N PRO A 134 14.75 14.41 0.85
CA PRO A 134 14.25 14.48 2.24
C PRO A 134 13.16 13.48 2.57
N SER A 135 12.31 13.14 1.60
CA SER A 135 11.22 12.19 1.85
C SER A 135 11.75 10.82 2.22
N THR A 136 12.83 10.40 1.56
CA THR A 136 13.45 9.11 1.83
C THR A 136 14.13 9.08 3.21
N ALA A 137 14.76 10.20 3.58
CA ALA A 137 15.38 10.35 4.91
C ALA A 137 14.36 10.13 6.03
N ASP A 138 13.13 10.59 5.81
CA ASP A 138 12.04 10.36 6.75
C ASP A 138 11.77 8.89 6.99
N LEU A 139 11.85 8.09 5.93
CA LEU A 139 11.67 6.65 6.06
C LEU A 139 12.84 6.03 6.82
N LEU A 140 14.05 6.52 6.55
CA LEU A 140 15.22 6.16 7.33
C LEU A 140 15.04 6.43 8.84
N HIS A 141 14.44 7.58 9.18
CA HIS A 141 14.16 7.94 10.59
C HIS A 141 13.24 6.92 11.26
N GLY A 142 12.22 6.49 10.52
CA GLY A 142 11.28 5.45 10.99
C GLY A 142 12.02 4.16 11.28
N LEU A 143 12.94 3.80 10.39
CA LEU A 143 13.75 2.59 10.55
C LEU A 143 14.66 2.67 11.76
N ILE A 144 15.38 3.78 11.89
CA ILE A 144 16.32 4.03 13.00
C ILE A 144 15.57 3.87 14.31
N ASP A 145 14.41 4.52 14.40
CA ASP A 145 13.65 4.59 15.64
C ASP A 145 13.10 3.23 16.08
N GLY A 146 12.52 2.49 15.15
CA GLY A 146 11.99 1.16 15.42
C GLY A 146 13.10 0.20 15.85
N LEU A 147 14.23 0.26 15.15
CA LEU A 147 15.39 -0.56 15.50
C LEU A 147 15.98 -0.22 16.87
N GLU A 148 16.14 1.06 17.17
CA GLU A 148 16.63 1.46 18.50
C GLU A 148 15.73 0.97 19.63
N LYS A 149 14.42 0.99 19.40
CA LYS A 149 13.44 0.48 20.35
C LYS A 149 13.63 -1.03 20.54
N GLN A 150 13.81 -1.76 19.45
CA GLN A 150 14.12 -3.20 19.52
C GLN A 150 15.40 -3.48 20.33
N ALA A 151 16.43 -2.66 20.14
CA ALA A 151 17.69 -2.80 20.87
C ALA A 151 17.46 -2.63 22.37
N TRP A 152 16.70 -1.59 22.74
CA TRP A 152 16.31 -1.36 24.14
C TRP A 152 15.56 -2.57 24.74
N LEU A 153 14.56 -3.08 24.03
CA LEU A 153 13.70 -4.17 24.53
C LEU A 153 14.43 -5.52 24.70
N ILE A 154 15.47 -5.72 23.88
CA ILE A 154 16.27 -6.92 23.89
C ILE A 154 17.41 -6.78 24.91
N ARG A 155 18.19 -5.69 24.79
CA ARG A 155 19.42 -5.50 25.61
C ARG A 155 19.17 -5.38 27.11
N SER A 156 17.99 -4.89 27.49
CA SER A 156 17.68 -4.61 28.91
C SER A 156 17.67 -5.86 29.80
N GLU A 157 17.50 -7.04 29.17
CA GLU A 157 17.66 -8.33 29.85
C GLU A 157 19.03 -8.45 30.55
N ASN A 158 20.08 -7.92 29.91
CA ASN A 158 21.47 -8.07 30.40
C ASN A 158 21.98 -6.91 31.27
N ARG A 159 21.19 -5.84 31.36
CA ARG A 159 21.58 -4.67 32.15
C ARG A 159 21.33 -4.92 33.63
N LYS A 160 22.29 -4.51 34.47
CA LYS A 160 22.24 -4.80 35.91
C LYS A 160 22.31 -3.54 36.73
N VAL A 161 21.35 -3.41 37.66
CA VAL A 161 21.17 -2.32 38.64
C VAL A 161 21.62 -0.96 38.10
N SER B 2 -3.30 -46.32 38.50
CA SER B 2 -2.34 -47.47 38.55
C SER B 2 -1.74 -47.77 37.17
N ALA B 3 -2.15 -47.00 36.16
CA ALA B 3 -1.52 -47.06 34.83
C ALA B 3 -0.40 -46.01 34.66
N ARG B 4 -0.16 -45.22 35.71
CA ARG B 4 0.81 -44.11 35.66
C ARG B 4 2.24 -44.63 35.57
N ARG B 5 2.97 -44.16 34.56
CA ARG B 5 4.37 -44.53 34.35
C ARG B 5 5.30 -43.81 35.32
N THR B 6 6.49 -44.37 35.53
CA THR B 6 7.43 -43.88 36.52
C THR B 6 8.85 -43.81 35.94
N GLU B 7 9.26 -42.62 35.47
CA GLU B 7 10.71 -42.24 35.44
C GLU B 7 10.88 -40.75 35.15
N ASP B 9 12.73 -38.21 34.73
CA ASP B 9 12.15 -37.85 33.44
C ASP B 9 12.07 -39.01 32.43
N ILE B 10 10.84 -39.27 31.95
CA ILE B 10 10.56 -40.10 30.76
C ILE B 10 11.23 -39.39 29.59
N GLN B 11 12.03 -40.12 28.81
CA GLN B 11 13.00 -39.43 27.93
C GLN B 11 12.38 -38.58 26.81
N GLY B 12 13.07 -37.48 26.53
CA GLY B 12 12.60 -36.46 25.62
C GLY B 12 12.80 -36.83 24.17
N PHE B 13 12.48 -35.85 23.33
CA PHE B 13 12.51 -36.03 21.90
C PHE B 13 13.93 -35.83 21.35
N HIS B 14 14.26 -36.59 20.31
CA HIS B 14 15.57 -36.55 19.69
C HIS B 14 15.44 -37.07 18.26
N ALA B 15 16.39 -36.73 17.41
CA ALA B 15 16.41 -37.20 16.02
C ALA B 15 17.82 -37.56 15.66
N THR B 16 17.99 -38.48 14.70
CA THR B 16 19.31 -38.81 14.15
C THR B 16 19.90 -37.60 13.42
N PRO B 17 21.26 -37.50 13.38
CA PRO B 17 21.90 -36.45 12.58
C PRO B 17 21.56 -36.52 11.09
N GLU B 18 21.27 -37.70 10.56
CA GLU B 18 20.87 -37.85 9.16
C GLU B 18 19.53 -37.15 8.91
N PHE B 19 18.56 -37.40 9.80
CA PHE B 19 17.25 -36.76 9.78
C PHE B 19 17.36 -35.23 9.81
N GLY B 20 18.19 -34.72 10.73
CA GLY B 20 18.39 -33.27 10.89
C GLY B 20 18.96 -32.65 9.64
N GLY B 21 19.97 -33.30 9.06
CA GLY B 21 20.56 -32.90 7.78
C GLY B 21 19.54 -32.90 6.63
N ASN B 22 18.61 -33.85 6.64
CA ASN B 22 17.58 -33.89 5.61
C ASN B 22 16.61 -32.70 5.69
N LEU B 23 16.25 -32.33 6.92
CA LEU B 23 15.42 -31.14 7.13
C LEU B 23 16.17 -29.86 6.80
N GLN B 24 17.47 -29.86 7.10
CA GLN B 24 18.39 -28.75 6.78
C GLN B 24 18.44 -28.44 5.29
N LYS B 25 18.46 -29.49 4.47
CA LYS B 25 18.33 -29.36 2.99
C LYS B 25 17.03 -28.64 2.58
N VAL B 26 15.92 -29.03 3.20
CA VAL B 26 14.62 -28.42 2.90
C VAL B 26 14.63 -26.96 3.35
N LEU B 27 15.18 -26.70 4.53
CA LEU B 27 15.22 -25.37 5.11
C LEU B 27 15.93 -24.34 4.22
N VAL B 28 17.15 -24.66 3.76
CA VAL B 28 17.90 -23.69 2.92
C VAL B 28 17.21 -23.33 1.60
N ASP B 29 16.56 -24.31 0.97
CA ASP B 29 15.86 -24.05 -0.29
C ASP B 29 14.60 -23.22 -0.07
N LEU B 30 13.92 -23.43 1.06
CA LEU B 30 12.77 -22.58 1.43
C LEU B 30 13.18 -21.14 1.65
N ILE B 31 14.29 -20.94 2.37
CA ILE B 31 14.83 -19.61 2.60
C ILE B 31 15.31 -18.96 1.28
N GLU B 32 16.06 -19.71 0.47
CA GLU B 32 16.49 -19.21 -0.84
C GLU B 32 15.31 -18.79 -1.70
N LEU B 33 14.29 -19.66 -1.72
CA LEU B 33 13.05 -19.37 -2.45
C LEU B 33 12.38 -18.09 -1.99
N SER B 34 12.31 -17.89 -0.67
CA SER B 34 11.78 -16.66 -0.05
CA SER B 34 11.74 -16.66 -0.12
C SER B 34 12.54 -15.42 -0.53
N LEU B 35 13.87 -15.51 -0.52
CA LEU B 35 14.73 -14.39 -0.94
C LEU B 35 14.61 -14.07 -2.43
N GLN B 36 14.61 -15.12 -3.26
CA GLN B 36 14.44 -14.97 -4.72
C GLN B 36 13.04 -14.47 -5.04
N GLY B 37 12.05 -14.95 -4.26
CA GLY B 37 10.68 -14.50 -4.36
C GLY B 37 10.54 -12.98 -4.22
N LYS B 38 11.17 -12.41 -3.18
CA LYS B 38 11.15 -10.95 -2.97
C LYS B 38 11.87 -10.21 -4.09
N GLN B 39 13.00 -10.75 -4.51
CA GLN B 39 13.78 -10.21 -5.62
C GLN B 39 12.90 -10.08 -6.87
N ALA B 40 12.18 -11.16 -7.20
CA ALA B 40 11.23 -11.19 -8.31
C ALA B 40 10.10 -10.19 -8.11
N HIS B 41 9.54 -10.20 -6.89
CA HIS B 41 8.48 -9.29 -6.47
C HIS B 41 8.84 -7.81 -6.70
N TRP B 42 10.07 -7.42 -6.37
CA TRP B 42 10.52 -6.03 -6.57
C TRP B 42 10.82 -5.69 -8.02
N ASN B 43 11.41 -6.64 -8.74
CA ASN B 43 12.03 -6.35 -10.03
C ASN B 43 11.28 -6.75 -11.29
N VAL B 44 10.17 -7.47 -11.11
CA VAL B 44 9.27 -7.79 -12.24
C VAL B 44 8.68 -6.51 -12.84
N VAL B 45 8.71 -6.42 -14.17
CA VAL B 45 8.10 -5.31 -14.91
C VAL B 45 7.38 -5.87 -16.14
N GLY B 46 6.44 -5.09 -16.68
CA GLY B 46 5.80 -5.43 -17.94
C GLY B 46 4.35 -5.87 -17.81
N SER B 47 3.87 -6.51 -18.89
CA SER B 47 2.47 -6.92 -19.03
CA SER B 47 2.47 -6.92 -19.04
C SER B 47 2.02 -7.78 -17.87
N ASN B 48 0.95 -7.36 -17.22
CA ASN B 48 0.40 -8.00 -16.03
C ASN B 48 1.35 -7.99 -14.83
N PHE B 49 2.12 -6.91 -14.72
CA PHE B 49 2.96 -6.66 -13.55
C PHE B 49 2.27 -6.91 -12.20
N ARG B 50 1.11 -6.27 -12.01
CA ARG B 50 0.47 -6.19 -10.70
C ARG B 50 0.12 -7.56 -10.15
N ASP B 51 -0.54 -8.39 -10.97
CA ASP B 51 -0.88 -9.77 -10.61
C ASP B 51 0.33 -10.57 -10.15
N LEU B 52 1.44 -10.45 -10.89
CA LEU B 52 2.63 -11.22 -10.56
C LEU B 52 3.32 -10.69 -9.32
N HIS B 53 3.41 -9.36 -9.23
CA HIS B 53 3.90 -8.66 -8.03
C HIS B 53 3.15 -9.18 -6.78
N LEU B 54 1.83 -9.29 -6.87
CA LEU B 54 1.01 -9.73 -5.75
C LEU B 54 1.13 -11.22 -5.46
N GLN B 55 1.06 -12.04 -6.51
CA GLN B 55 1.20 -13.49 -6.35
C GLN B 55 2.56 -13.89 -5.78
N LEU B 56 3.61 -13.17 -6.18
CA LEU B 56 4.97 -13.43 -5.69
C LEU B 56 5.11 -13.17 -4.20
N ASP B 57 4.39 -12.17 -3.70
CA ASP B 57 4.35 -11.93 -2.26
C ASP B 57 3.66 -13.05 -1.50
N GLU B 58 2.60 -13.60 -2.08
CA GLU B 58 1.91 -14.76 -1.51
C GLU B 58 2.83 -15.99 -1.49
N LEU B 59 3.62 -16.16 -2.55
CA LEU B 59 4.65 -17.20 -2.59
C LEU B 59 5.66 -17.03 -1.45
N VAL B 60 6.18 -15.81 -1.30
CA VAL B 60 7.13 -15.48 -0.22
C VAL B 60 6.55 -15.81 1.17
N ASP B 61 5.29 -15.40 1.42
CA ASP B 61 4.61 -15.71 2.69
C ASP B 61 4.59 -17.20 2.96
N PHE B 62 4.20 -17.98 1.94
CA PHE B 62 4.14 -19.42 2.11
C PHE B 62 5.52 -20.01 2.41
N ALA B 63 6.52 -19.59 1.64
CA ALA B 63 7.89 -20.04 1.82
C ALA B 63 8.49 -19.67 3.17
N ARG B 64 8.18 -18.46 3.67
CA ARG B 64 8.64 -18.01 4.99
C ARG B 64 8.02 -18.83 6.11
N GLU B 65 6.72 -19.07 6.04
CA GLU B 65 6.02 -19.89 7.04
C GLU B 65 6.54 -21.32 7.02
N GLY B 66 6.81 -21.83 5.81
CA GLY B 66 7.39 -23.16 5.62
C GLY B 66 8.76 -23.30 6.30
N SER B 67 9.65 -22.32 6.09
CA SER B 67 10.99 -22.37 6.69
C SER B 67 10.91 -22.35 8.20
N ASP B 68 9.99 -21.55 8.72
CA ASP B 68 9.68 -21.55 10.14
C ASP B 68 9.25 -22.90 10.64
N THR B 69 8.28 -23.50 9.94
CA THR B 69 7.76 -24.82 10.28
C THR B 69 8.87 -25.88 10.33
N ILE B 70 9.77 -25.86 9.34
CA ILE B 70 10.87 -26.82 9.26
C ILE B 70 11.90 -26.58 10.37
N ALA B 71 12.31 -25.33 10.55
CA ALA B 71 13.27 -24.98 11.59
C ALA B 71 12.73 -25.29 12.99
N GLU B 72 11.45 -25.04 13.19
CA GLU B 72 10.81 -25.33 14.47
C GLU B 72 10.67 -26.82 14.70
N GLU B 73 10.46 -27.57 13.61
CA GLU B 73 10.39 -29.03 13.67
C GLU B 73 11.75 -29.60 14.07
N MET B 74 12.80 -29.04 13.48
CA MET B 74 14.17 -29.39 13.81
C MET B 74 14.45 -29.15 15.30
N ARG B 75 14.13 -27.97 15.77
CA ARG B 75 14.29 -27.65 17.20
C ARG B 75 13.46 -28.55 18.13
N ALA B 76 12.23 -28.85 17.74
CA ALA B 76 11.35 -29.71 18.55
C ALA B 76 11.97 -31.08 18.82
N LEU B 77 12.67 -31.59 17.81
CA LEU B 77 13.34 -32.88 17.87
C LEU B 77 14.83 -32.76 18.23
N ASP B 78 15.22 -31.55 18.65
CA ASP B 78 16.53 -31.23 19.24
C ASP B 78 17.69 -31.17 18.23
N ALA B 79 17.33 -31.05 16.96
CA ALA B 79 18.28 -30.70 15.91
C ALA B 79 18.49 -29.18 15.95
N VAL B 80 19.47 -28.68 15.20
CA VAL B 80 19.82 -27.25 15.24
C VAL B 80 19.91 -26.69 13.82
N PRO B 81 18.92 -25.85 13.42
CA PRO B 81 18.86 -25.33 12.06
C PRO B 81 19.97 -24.31 11.78
N ASP B 82 20.33 -24.20 10.50
CA ASP B 82 21.17 -23.11 10.04
C ASP B 82 20.52 -22.37 8.88
N GLY B 83 19.94 -21.21 9.19
CA GLY B 83 19.34 -20.34 8.17
C GLY B 83 20.12 -19.08 7.80
N ARG B 84 21.41 -19.05 8.10
CA ARG B 84 22.26 -17.87 7.83
C ARG B 84 22.53 -17.65 6.34
N SER B 85 22.70 -16.39 5.94
CA SER B 85 22.91 -16.04 4.53
C SER B 85 24.03 -16.83 3.86
N ASP B 86 25.19 -16.92 4.53
CA ASP B 86 26.36 -17.64 4.01
C ASP B 86 26.04 -19.12 3.72
N THR B 87 25.35 -19.76 4.66
CA THR B 87 24.96 -21.16 4.54
C THR B 87 23.95 -21.38 3.41
N VAL B 88 22.90 -20.54 3.38
CA VAL B 88 21.89 -20.61 2.34
C VAL B 88 22.54 -20.47 0.95
N ALA B 89 23.36 -19.44 0.76
CA ALA B 89 24.05 -19.21 -0.53
C ALA B 89 24.98 -20.37 -0.91
N ALA B 90 25.70 -20.93 0.06
CA ALA B 90 26.65 -22.02 -0.19
C ALA B 90 26.02 -23.39 -0.46
N THR B 91 24.82 -23.63 0.09
CA THR B 91 24.22 -24.98 0.08
C THR B 91 22.87 -25.10 -0.63
N THR B 92 22.22 -23.99 -0.99
CA THR B 92 20.98 -24.07 -1.77
C THR B 92 21.16 -24.79 -3.12
N THR B 93 20.15 -25.54 -3.53
CA THR B 93 20.16 -26.23 -4.81
C THR B 93 19.48 -25.43 -5.91
N LEU B 94 18.82 -24.32 -5.55
CA LEU B 94 18.10 -23.49 -6.53
C LEU B 94 19.06 -22.75 -7.45
N PRO B 95 18.74 -22.74 -8.77
CA PRO B 95 19.46 -21.88 -9.69
C PRO B 95 19.33 -20.43 -9.23
N GLU B 96 20.44 -19.70 -9.33
CA GLU B 96 20.50 -18.29 -8.94
C GLU B 96 19.44 -17.47 -9.66
N PHE B 97 18.79 -16.57 -8.93
CA PHE B 97 17.92 -15.59 -9.58
C PHE B 97 18.80 -14.50 -10.20
N PRO B 98 18.47 -14.06 -11.44
CA PRO B 98 19.30 -13.04 -12.08
C PRO B 98 19.15 -11.67 -11.44
N ALA B 99 20.12 -10.81 -11.70
CA ALA B 99 20.06 -9.42 -11.28
C ALA B 99 19.13 -8.68 -12.23
N PHE B 100 18.80 -7.43 -11.87
CA PHE B 100 18.12 -6.47 -12.75
C PHE B 100 16.63 -6.76 -12.95
N GLU B 101 15.95 -5.82 -13.60
CA GLU B 101 14.54 -5.98 -13.93
C GLU B 101 14.36 -7.14 -14.90
N ARG B 102 13.24 -7.84 -14.75
CA ARG B 102 12.88 -8.90 -15.70
C ARG B 102 11.42 -8.76 -16.05
N SER B 103 11.11 -9.09 -17.29
CA SER B 103 9.74 -9.08 -17.81
C SER B 103 8.90 -10.10 -17.05
N THR B 104 7.60 -9.80 -16.96
CA THR B 104 6.64 -10.70 -16.35
C THR B 104 6.78 -12.12 -16.90
N ALA B 105 6.86 -12.26 -18.23
CA ALA B 105 6.98 -13.60 -18.85
C ALA B 105 8.23 -14.36 -18.38
N ASP B 106 9.37 -13.65 -18.32
CA ASP B 106 10.62 -14.24 -17.85
C ASP B 106 10.55 -14.61 -16.37
N VAL B 107 10.04 -13.70 -15.54
CA VAL B 107 9.83 -13.95 -14.11
C VAL B 107 8.95 -15.20 -13.87
N VAL B 108 7.83 -15.30 -14.61
CA VAL B 108 6.98 -16.49 -14.55
C VAL B 108 7.80 -17.77 -14.76
N ASP B 109 8.57 -17.84 -15.84
CA ASP B 109 9.38 -19.05 -16.13
C ASP B 109 10.47 -19.27 -15.08
N LEU B 110 11.15 -18.18 -14.69
CA LEU B 110 12.23 -18.29 -13.70
C LEU B 110 11.73 -18.83 -12.35
N ILE B 111 10.66 -18.24 -11.85
CA ILE B 111 10.13 -18.56 -10.53
C ILE B 111 9.50 -19.95 -10.48
N THR B 112 8.78 -20.32 -11.55
CA THR B 112 8.20 -21.68 -11.67
C THR B 112 9.29 -22.73 -11.49
N THR B 113 10.45 -22.51 -12.13
CA THR B 113 11.59 -23.39 -12.04
C THR B 113 12.15 -23.49 -10.61
N ARG B 114 12.21 -22.35 -9.93
CA ARG B 114 12.75 -22.32 -8.58
C ARG B 114 11.82 -22.96 -7.56
N ILE B 115 10.51 -22.78 -7.75
CA ILE B 115 9.49 -23.51 -6.98
C ILE B 115 9.67 -25.02 -7.21
N ASN B 116 9.73 -25.42 -8.48
CA ASN B 116 9.87 -26.84 -8.84
C ASN B 116 11.12 -27.48 -8.24
N ALA B 117 12.23 -26.73 -8.26
CA ALA B 117 13.46 -27.14 -7.60
C ALA B 117 13.30 -27.31 -6.08
N THR B 118 12.52 -26.42 -5.45
CA THR B 118 12.25 -26.51 -4.01
C THR B 118 11.42 -27.75 -3.70
N VAL B 119 10.34 -27.96 -4.46
CA VAL B 119 9.53 -29.18 -4.36
C VAL B 119 10.40 -30.45 -4.58
N ASP B 120 11.27 -30.43 -5.58
CA ASP B 120 12.24 -31.51 -5.83
C ASP B 120 13.01 -31.91 -4.58
N THR B 121 13.57 -30.93 -3.87
CA THR B 121 14.30 -31.19 -2.63
C THR B 121 13.44 -31.89 -1.57
N ILE B 122 12.20 -31.42 -1.41
CA ILE B 122 11.25 -32.00 -0.46
C ILE B 122 10.95 -33.46 -0.82
N ARG B 123 10.61 -33.68 -2.10
CA ARG B 123 10.38 -35.03 -2.64
C ARG B 123 11.62 -35.94 -2.52
N ARG B 124 12.82 -35.39 -2.74
CA ARG B 124 14.08 -36.12 -2.58
C ARG B 124 14.32 -36.68 -1.17
N VAL B 125 14.06 -35.87 -0.15
CA VAL B 125 14.28 -36.33 1.25
C VAL B 125 13.06 -37.03 1.89
N HIS B 126 11.92 -36.94 1.22
CA HIS B 126 10.64 -37.38 1.78
C HIS B 126 10.69 -38.78 2.44
N ASP B 127 11.12 -39.79 1.68
CA ASP B 127 11.07 -41.19 2.14
C ASP B 127 11.98 -41.45 3.34
N ALA B 128 13.19 -40.91 3.29
CA ALA B 128 14.13 -40.98 4.41
C ALA B 128 13.55 -40.32 5.67
N VAL B 129 12.89 -39.16 5.49
CA VAL B 129 12.26 -38.44 6.61
C VAL B 129 11.09 -39.25 7.19
N ASP B 130 10.22 -39.73 6.29
CA ASP B 130 9.04 -40.55 6.62
C ASP B 130 9.40 -41.82 7.42
N ALA B 131 10.48 -42.51 7.00
CA ALA B 131 10.98 -43.72 7.70
C ALA B 131 11.29 -43.47 9.18
N GLU B 132 11.85 -42.31 9.50
CA GLU B 132 12.12 -41.96 10.89
C GLU B 132 10.92 -41.33 11.61
N ASP B 133 10.21 -40.42 10.94
CA ASP B 133 9.09 -39.73 11.55
C ASP B 133 7.95 -39.42 10.57
N PRO B 134 6.85 -40.19 10.68
CA PRO B 134 5.68 -40.00 9.82
C PRO B 134 5.00 -38.64 10.01
N SER B 135 5.09 -38.07 11.22
CA SER B 135 4.54 -36.73 11.48
C SER B 135 5.26 -35.63 10.69
N THR B 136 6.59 -35.71 10.65
CA THR B 136 7.41 -34.77 9.88
C THR B 136 7.07 -34.85 8.40
N ALA B 137 6.84 -36.07 7.89
CA ALA B 137 6.43 -36.30 6.50
C ALA B 137 5.16 -35.55 6.14
N ASP B 138 4.22 -35.46 7.10
CA ASP B 138 2.99 -34.69 6.89
C ASP B 138 3.26 -33.21 6.67
N LEU B 139 4.25 -32.65 7.38
CA LEU B 139 4.66 -31.26 7.16
C LEU B 139 5.25 -31.08 5.76
N LEU B 140 6.03 -32.08 5.32
CA LEU B 140 6.56 -32.10 3.98
C LEU B 140 5.43 -32.16 2.94
N HIS B 141 4.38 -32.93 3.23
CA HIS B 141 3.20 -32.99 2.32
C HIS B 141 2.50 -31.64 2.16
N GLY B 142 2.39 -30.91 3.27
CA GLY B 142 1.83 -29.57 3.27
C GLY B 142 2.66 -28.57 2.47
N LEU B 143 3.98 -28.68 2.60
CA LEU B 143 4.91 -27.88 1.81
C LEU B 143 4.81 -28.16 0.31
N ILE B 144 4.84 -29.44 -0.05
CA ILE B 144 4.70 -29.87 -1.46
C ILE B 144 3.40 -29.31 -2.06
N ASP B 145 2.30 -29.52 -1.36
CA ASP B 145 0.99 -29.05 -1.83
C ASP B 145 0.88 -27.55 -2.02
N GLY B 146 1.33 -26.78 -1.04
CA GLY B 146 1.27 -25.31 -1.13
C GLY B 146 2.19 -24.77 -2.21
N LEU B 147 3.38 -25.36 -2.32
CA LEU B 147 4.33 -24.95 -3.36
C LEU B 147 3.86 -25.29 -4.77
N GLU B 148 3.31 -26.49 -4.96
CA GLU B 148 2.79 -26.90 -6.27
C GLU B 148 1.57 -26.08 -6.70
N LYS B 149 0.80 -25.59 -5.74
CA LYS B 149 -0.30 -24.67 -6.03
C LYS B 149 0.23 -23.33 -6.52
N GLN B 150 1.24 -22.80 -5.83
CA GLN B 150 1.91 -21.56 -6.24
C GLN B 150 2.50 -21.67 -7.65
N ALA B 151 3.13 -22.82 -7.93
CA ALA B 151 3.67 -23.10 -9.27
C ALA B 151 2.57 -23.03 -10.34
N TRP B 152 1.43 -23.66 -10.07
CA TRP B 152 0.27 -23.58 -10.95
C TRP B 152 -0.24 -22.14 -11.13
N LEU B 153 -0.45 -21.42 -10.02
CA LEU B 153 -0.95 -20.04 -10.05
C LEU B 153 -0.02 -19.07 -10.79
N ILE B 154 1.29 -19.32 -10.73
CA ILE B 154 2.29 -18.48 -11.38
C ILE B 154 2.47 -18.87 -12.85
N ARG B 155 2.70 -20.16 -13.11
CA ARG B 155 3.00 -20.64 -14.48
C ARG B 155 1.84 -20.41 -15.46
N SER B 156 0.61 -20.39 -14.95
CA SER B 156 -0.58 -20.33 -15.81
C SER B 156 -0.61 -19.10 -16.72
N GLU B 157 0.00 -18.01 -16.23
CA GLU B 157 0.22 -16.77 -17.01
C GLU B 157 0.83 -17.00 -18.40
N ASN B 158 1.82 -17.89 -18.49
CA ASN B 158 2.51 -18.17 -19.75
C ASN B 158 1.92 -19.32 -20.57
N ARG B 159 0.92 -20.01 -20.01
CA ARG B 159 0.42 -21.23 -20.64
C ARG B 159 -0.42 -20.94 -21.89
N LYS B 160 -0.05 -21.59 -22.99
CA LYS B 160 -0.77 -21.52 -24.27
C LYS B 160 -1.61 -22.77 -24.50
N VAL B 161 -2.85 -22.57 -24.93
CA VAL B 161 -3.75 -23.68 -25.26
C VAL B 161 -4.33 -23.51 -26.67
N SER C 2 6.83 26.44 41.46
CA SER C 2 6.66 25.55 40.27
C SER C 2 7.13 26.23 38.96
N ALA C 3 7.17 25.45 37.88
CA ALA C 3 7.59 25.96 36.58
C ALA C 3 6.39 26.31 35.70
N ARG C 4 5.18 26.32 36.29
CA ARG C 4 3.93 26.54 35.55
C ARG C 4 3.84 27.93 34.97
N ARG C 5 3.50 27.99 33.68
CA ARG C 5 3.23 29.26 33.03
C ARG C 5 1.95 29.89 33.56
N THR C 6 1.86 31.20 33.35
CA THR C 6 0.88 32.04 34.02
C THR C 6 -0.17 32.64 33.07
N GLU C 7 0.08 32.56 31.76
CA GLU C 7 -0.83 33.10 30.74
C GLU C 7 -2.12 32.26 30.66
N SER C 8 -3.22 32.92 30.32
CA SER C 8 -4.55 32.27 30.27
C SER C 8 -4.97 31.90 28.85
N ASP C 9 -4.49 32.68 27.88
CA ASP C 9 -4.83 32.45 26.48
C ASP C 9 -3.58 32.36 25.61
N ILE C 10 -2.86 31.26 25.79
CA ILE C 10 -1.64 30.95 25.03
C ILE C 10 -2.01 30.61 23.59
N GLN C 11 -1.39 31.33 22.66
CA GLN C 11 -1.70 31.26 21.23
C GLN C 11 -0.97 30.11 20.55
N GLY C 12 -1.59 29.55 19.52
CA GLY C 12 -0.97 28.53 18.68
C GLY C 12 -0.17 29.13 17.53
N PHE C 13 0.71 28.31 16.93
CA PHE C 13 1.44 28.67 15.72
C PHE C 13 0.42 28.85 14.58
N HIS C 14 0.44 30.02 13.94
CA HIS C 14 -0.32 30.21 12.69
C HIS C 14 0.58 30.48 11.47
N ALA C 15 0.09 30.08 10.30
CA ALA C 15 0.87 30.10 9.07
C ALA C 15 0.83 31.47 8.39
N THR C 16 1.93 31.83 7.71
CA THR C 16 1.97 33.00 6.82
C THR C 16 1.00 32.77 5.66
N PRO C 17 0.58 33.86 4.95
CA PRO C 17 -0.26 33.64 3.75
C PRO C 17 0.43 32.82 2.66
N GLU C 18 1.76 32.93 2.54
CA GLU C 18 2.55 32.15 1.58
C GLU C 18 2.43 30.65 1.87
N PHE C 19 2.54 30.31 3.15
CA PHE C 19 2.41 28.94 3.64
C PHE C 19 1.04 28.33 3.31
N GLY C 20 -0.02 29.05 3.67
CA GLY C 20 -1.38 28.69 3.29
C GLY C 20 -1.53 28.49 1.80
N GLY C 21 -1.01 29.46 1.04
CA GLY C 21 -0.98 29.42 -0.42
C GLY C 21 -0.33 28.16 -0.96
N ASN C 22 0.80 27.78 -0.39
CA ASN C 22 1.54 26.58 -0.80
C ASN C 22 0.77 25.30 -0.52
N LEU C 23 0.12 25.25 0.64
CA LEU C 23 -0.73 24.10 0.95
C LEU C 23 -1.97 24.04 0.06
N GLN C 24 -2.54 25.20 -0.26
CA GLN C 24 -3.66 25.29 -1.22
C GLN C 24 -3.29 24.67 -2.58
N LYS C 25 -2.08 24.99 -3.08
CA LYS C 25 -1.54 24.38 -4.31
C LYS C 25 -1.51 22.86 -4.25
N VAL C 26 -1.04 22.30 -3.13
CA VAL C 26 -1.01 20.85 -2.95
C VAL C 26 -2.42 20.29 -2.91
N LEU C 27 -3.32 20.99 -2.21
CA LEU C 27 -4.68 20.55 -2.04
C LEU C 27 -5.43 20.36 -3.36
N VAL C 28 -5.34 21.34 -4.27
CA VAL C 28 -6.10 21.27 -5.52
C VAL C 28 -5.61 20.15 -6.45
N ASP C 29 -4.30 19.91 -6.47
CA ASP C 29 -3.75 18.84 -7.31
C ASP C 29 -4.07 17.44 -6.76
N LEU C 30 -4.14 17.32 -5.43
CA LEU C 30 -4.59 16.06 -4.82
C LEU C 30 -6.05 15.75 -5.13
N ILE C 31 -6.88 16.78 -5.07
CA ILE C 31 -8.31 16.65 -5.37
C ILE C 31 -8.52 16.31 -6.85
N GLU C 32 -7.86 17.08 -7.73
CA GLU C 32 -7.90 16.81 -9.16
C GLU C 32 -7.41 15.40 -9.49
N LEU C 33 -6.33 14.98 -8.84
CA LEU C 33 -5.81 13.62 -9.03
C LEU C 33 -6.84 12.57 -8.60
N SER C 34 -7.54 12.84 -7.50
CA SER C 34 -8.62 11.96 -7.01
C SER C 34 -9.74 11.85 -8.04
N LEU C 35 -10.15 12.98 -8.61
CA LEU C 35 -11.25 12.99 -9.59
C LEU C 35 -10.84 12.31 -10.90
N GLN C 36 -9.59 12.55 -11.32
CA GLN C 36 -9.06 11.93 -12.54
C GLN C 36 -8.84 10.43 -12.36
N GLY C 37 -8.40 10.03 -11.16
CA GLY C 37 -8.22 8.63 -10.78
C GLY C 37 -9.51 7.85 -10.87
N LYS C 38 -10.60 8.42 -10.36
CA LYS C 38 -11.92 7.79 -10.46
C LYS C 38 -12.40 7.71 -11.92
N GLN C 39 -12.19 8.79 -12.69
CA GLN C 39 -12.52 8.80 -14.13
C GLN C 39 -11.85 7.63 -14.84
N ALA C 40 -10.55 7.47 -14.61
CA ALA C 40 -9.72 6.40 -15.18
C ALA C 40 -10.14 5.02 -14.69
N HIS C 41 -10.42 4.93 -13.39
CA HIS C 41 -10.95 3.72 -12.75
C HIS C 41 -12.23 3.19 -13.44
N TRP C 42 -13.17 4.08 -13.76
CA TRP C 42 -14.41 3.67 -14.40
C TRP C 42 -14.25 3.34 -15.88
N ASN C 43 -13.43 4.12 -16.59
CA ASN C 43 -13.37 4.11 -18.05
C ASN C 43 -12.22 3.35 -18.72
N VAL C 44 -11.33 2.78 -17.91
CA VAL C 44 -10.23 1.96 -18.45
C VAL C 44 -10.83 0.67 -19.02
N VAL C 45 -10.36 0.29 -20.22
CA VAL C 45 -10.76 -0.97 -20.87
C VAL C 45 -9.54 -1.66 -21.48
N GLY C 46 -9.63 -2.97 -21.69
CA GLY C 46 -8.61 -3.69 -22.44
C GLY C 46 -7.75 -4.61 -21.58
N SER C 47 -6.57 -4.95 -22.14
CA SER C 47 -5.64 -5.91 -21.55
CA SER C 47 -5.62 -5.91 -21.55
C SER C 47 -5.26 -5.52 -20.12
N ASN C 48 -5.46 -6.47 -19.21
CA ASN C 48 -5.19 -6.30 -17.77
C ASN C 48 -6.03 -5.19 -17.10
N PHE C 49 -7.26 -5.03 -17.60
CA PHE C 49 -8.27 -4.12 -17.03
C PHE C 49 -8.37 -4.19 -15.50
N ARG C 50 -8.54 -5.41 -14.98
CA ARG C 50 -8.92 -5.60 -13.58
C ARG C 50 -7.83 -5.09 -12.63
N ASP C 51 -6.58 -5.43 -12.93
CA ASP C 51 -5.44 -4.94 -12.13
C ASP C 51 -5.40 -3.41 -12.08
N LEU C 52 -5.59 -2.77 -13.23
CA LEU C 52 -5.54 -1.30 -13.29
C LEU C 52 -6.74 -0.64 -12.64
N HIS C 53 -7.93 -1.17 -12.94
CA HIS C 53 -9.18 -0.80 -12.27
C HIS C 53 -8.99 -0.77 -10.74
N LEU C 54 -8.42 -1.84 -10.19
CA LEU C 54 -8.19 -1.96 -8.73
C LEU C 54 -7.09 -1.04 -8.20
N GLN C 55 -5.97 -0.96 -8.90
CA GLN C 55 -4.85 -0.09 -8.51
C GLN C 55 -5.24 1.39 -8.52
N LEU C 56 -6.05 1.79 -9.50
CA LEU C 56 -6.52 3.17 -9.60
C LEU C 56 -7.38 3.58 -8.41
N ASP C 57 -8.17 2.61 -7.90
CA ASP C 57 -8.91 2.82 -6.67
C ASP C 57 -8.02 3.05 -5.44
N GLU C 58 -6.91 2.32 -5.36
CA GLU C 58 -5.92 2.54 -4.30
C GLU C 58 -5.27 3.91 -4.41
N LEU C 59 -5.00 4.36 -5.64
CA LEU C 59 -4.49 5.71 -5.86
C LEU C 59 -5.49 6.77 -5.35
N VAL C 60 -6.76 6.59 -5.69
CA VAL C 60 -7.84 7.49 -5.27
C VAL C 60 -7.96 7.54 -3.74
N ASP C 61 -7.93 6.37 -3.09
CA ASP C 61 -7.95 6.29 -1.62
C ASP C 61 -6.82 7.10 -1.03
N PHE C 62 -5.61 6.94 -1.57
CA PHE C 62 -4.45 7.67 -1.05
C PHE C 62 -4.57 9.17 -1.24
N ALA C 63 -4.96 9.59 -2.46
CA ALA C 63 -5.09 11.00 -2.79
C ALA C 63 -6.18 11.70 -1.95
N ARG C 64 -7.28 10.99 -1.70
CA ARG C 64 -8.37 11.53 -0.87
C ARG C 64 -7.95 11.75 0.60
N GLU C 65 -7.33 10.75 1.21
CA GLU C 65 -6.83 10.92 2.59
C GLU C 65 -5.73 12.00 2.64
N GLY C 66 -4.93 12.07 1.58
CA GLY C 66 -3.94 13.15 1.43
C GLY C 66 -4.55 14.55 1.39
N SER C 67 -5.61 14.72 0.59
CA SER C 67 -6.25 16.03 0.45
C SER C 67 -6.89 16.43 1.77
N ASP C 68 -7.52 15.46 2.43
CA ASP C 68 -8.14 15.70 3.74
C ASP C 68 -7.07 16.12 4.77
N THR C 69 -5.94 15.41 4.77
CA THR C 69 -4.80 15.74 5.63
C THR C 69 -4.30 17.18 5.41
N ILE C 70 -4.11 17.55 4.16
CA ILE C 70 -3.61 18.89 3.81
C ILE C 70 -4.59 19.98 4.23
N ALA C 71 -5.87 19.80 3.91
CA ALA C 71 -6.90 20.76 4.31
C ALA C 71 -6.96 20.92 5.82
N GLU C 72 -6.88 19.80 6.56
CA GLU C 72 -6.91 19.84 8.02
C GLU C 72 -5.63 20.43 8.62
N GLU C 73 -4.50 20.25 7.92
CA GLU C 73 -3.28 20.96 8.25
C GLU C 73 -3.45 22.48 8.14
N MET C 74 -4.08 22.91 7.04
CA MET C 74 -4.42 24.33 6.82
C MET C 74 -5.27 24.87 7.95
N ARG C 75 -6.33 24.13 8.30
CA ARG C 75 -7.23 24.52 9.37
C ARG C 75 -6.55 24.66 10.73
N ALA C 76 -5.69 23.70 11.07
CA ALA C 76 -4.96 23.75 12.34
C ALA C 76 -4.11 25.01 12.46
N LEU C 77 -3.57 25.46 11.33
CA LEU C 77 -2.68 26.62 11.26
C LEU C 77 -3.41 27.90 10.86
N ASP C 78 -4.74 27.89 10.99
CA ASP C 78 -5.57 29.07 10.77
C ASP C 78 -5.66 29.52 9.30
N ALA C 79 -5.35 28.61 8.39
CA ALA C 79 -5.57 28.84 6.96
C ALA C 79 -6.91 28.21 6.54
N VAL C 80 -7.44 28.64 5.40
CA VAL C 80 -8.78 28.25 4.96
C VAL C 80 -8.69 27.56 3.60
N PRO C 81 -8.83 26.21 3.57
CA PRO C 81 -8.74 25.47 2.30
C PRO C 81 -9.87 25.79 1.33
N ASP C 82 -9.61 25.63 0.04
CA ASP C 82 -10.67 25.72 -0.96
C ASP C 82 -10.59 24.53 -1.91
N GLY C 83 -11.48 23.57 -1.67
CA GLY C 83 -11.54 22.34 -2.44
C GLY C 83 -12.75 22.22 -3.35
N ARG C 84 -13.36 23.37 -3.66
CA ARG C 84 -14.57 23.40 -4.49
C ARG C 84 -14.22 23.13 -5.95
N SER C 85 -15.18 22.52 -6.67
CA SER C 85 -14.98 22.09 -8.07
C SER C 85 -14.48 23.20 -8.98
N ASP C 86 -15.10 24.38 -8.88
CA ASP C 86 -14.69 25.53 -9.70
C ASP C 86 -13.23 25.91 -9.48
N THR C 87 -12.84 26.01 -8.21
CA THR C 87 -11.45 26.36 -7.83
C THR C 87 -10.45 25.31 -8.32
N VAL C 88 -10.81 24.04 -8.15
CA VAL C 88 -9.98 22.92 -8.58
C VAL C 88 -9.75 22.97 -10.11
N ALA C 89 -10.83 23.08 -10.88
CA ALA C 89 -10.72 23.15 -12.34
C ALA C 89 -9.89 24.37 -12.77
N ALA C 90 -10.07 25.49 -12.09
CA ALA C 90 -9.43 26.76 -12.47
C ALA C 90 -7.94 26.84 -12.15
N THR C 91 -7.51 26.09 -11.14
CA THR C 91 -6.19 26.26 -10.55
C THR C 91 -5.29 25.02 -10.53
N THR C 92 -5.85 23.84 -10.83
CA THR C 92 -5.03 22.62 -10.92
C THR C 92 -3.95 22.71 -12.00
N THR C 93 -2.80 22.08 -11.74
CA THR C 93 -1.69 22.09 -12.69
C THR C 93 -1.67 20.83 -13.55
N LEU C 94 -2.52 19.86 -13.22
CA LEU C 94 -2.52 18.57 -13.93
C LEU C 94 -3.13 18.73 -15.30
N PRO C 95 -2.52 18.08 -16.32
CA PRO C 95 -3.16 18.00 -17.63
C PRO C 95 -4.50 17.29 -17.48
N GLU C 96 -5.51 17.78 -18.20
CA GLU C 96 -6.86 17.27 -18.15
C GLU C 96 -6.90 15.79 -18.55
N PHE C 97 -7.72 15.00 -17.84
CA PHE C 97 -7.96 13.62 -18.25
C PHE C 97 -9.01 13.58 -19.36
N PRO C 98 -8.86 12.67 -20.36
CA PRO C 98 -9.88 12.50 -21.41
C PRO C 98 -11.25 12.06 -20.87
N ALA C 99 -12.30 12.29 -21.65
CA ALA C 99 -13.69 12.01 -21.24
C ALA C 99 -14.15 10.57 -21.43
N PHE C 100 -13.47 9.84 -22.30
CA PHE C 100 -14.05 8.61 -22.85
C PHE C 100 -13.28 7.36 -22.45
N GLU C 101 -13.70 6.20 -22.97
CA GLU C 101 -12.95 4.97 -22.77
C GLU C 101 -11.52 5.13 -23.29
N ARG C 102 -10.57 4.58 -22.55
CA ARG C 102 -9.17 4.53 -22.97
C ARG C 102 -8.61 3.17 -22.60
N SER C 103 -7.70 2.68 -23.45
CA SER C 103 -7.02 1.42 -23.23
C SER C 103 -6.17 1.44 -21.95
N THR C 104 -5.92 0.26 -21.42
CA THR C 104 -5.06 0.11 -20.24
C THR C 104 -3.70 0.77 -20.45
N ALA C 105 -3.06 0.53 -21.60
CA ALA C 105 -1.77 1.13 -21.95
C ALA C 105 -1.81 2.67 -21.93
N ASP C 106 -2.88 3.23 -22.49
CA ASP C 106 -3.07 4.69 -22.49
C ASP C 106 -3.33 5.23 -21.09
N VAL C 107 -4.22 4.58 -20.34
CA VAL C 107 -4.51 4.96 -18.96
C VAL C 107 -3.23 4.93 -18.06
N VAL C 108 -2.42 3.89 -18.19
CA VAL C 108 -1.13 3.79 -17.48
C VAL C 108 -0.25 5.04 -17.73
N ASP C 109 -0.07 5.39 -19.00
CA ASP C 109 0.73 6.55 -19.39
C ASP C 109 0.12 7.86 -18.90
N LEU C 110 -1.19 8.03 -19.10
CA LEU C 110 -1.88 9.25 -18.67
C LEU C 110 -1.80 9.43 -17.15
N ILE C 111 -2.14 8.39 -16.40
CA ILE C 111 -2.18 8.49 -14.93
C ILE C 111 -0.79 8.71 -14.32
N THR C 112 0.23 8.03 -14.86
CA THR C 112 1.63 8.20 -14.41
C THR C 112 2.05 9.67 -14.53
N THR C 113 1.72 10.31 -15.65
CA THR C 113 2.01 11.72 -15.87
C THR C 113 1.35 12.61 -14.81
N ARG C 114 0.06 12.38 -14.58
CA ARG C 114 -0.69 13.16 -13.59
C ARG C 114 -0.23 12.94 -12.15
N ILE C 115 0.14 11.71 -11.80
CA ILE C 115 0.78 11.45 -10.49
C ILE C 115 2.08 12.26 -10.40
N ASN C 116 2.94 12.14 -11.42
CA ASN C 116 4.21 12.88 -11.46
C ASN C 116 4.02 14.40 -11.34
N ALA C 117 3.01 14.93 -12.04
CA ALA C 117 2.65 16.34 -11.91
C ALA C 117 2.27 16.72 -10.48
N THR C 118 1.51 15.86 -9.81
CA THR C 118 1.09 16.08 -8.42
C THR C 118 2.32 16.07 -7.48
N VAL C 119 3.21 15.09 -7.64
CA VAL C 119 4.45 14.99 -6.85
C VAL C 119 5.31 16.24 -7.06
N ASP C 120 5.38 16.71 -8.31
CA ASP C 120 6.10 17.93 -8.68
C ASP C 120 5.59 19.17 -7.93
N THR C 121 4.27 19.35 -7.88
CA THR C 121 3.68 20.44 -7.08
C THR C 121 4.20 20.42 -5.63
N ILE C 122 4.14 19.25 -4.99
CA ILE C 122 4.60 19.06 -3.61
C ILE C 122 6.10 19.33 -3.46
N ARG C 123 6.90 18.81 -4.40
CA ARG C 123 8.35 19.03 -4.41
C ARG C 123 8.70 20.50 -4.61
N ARG C 124 7.89 21.20 -5.42
CA ARG C 124 8.06 22.63 -5.67
C ARG C 124 7.79 23.51 -4.44
N VAL C 125 6.85 23.11 -3.59
CA VAL C 125 6.55 23.90 -2.37
C VAL C 125 7.32 23.43 -1.14
N HIS C 126 7.94 22.25 -1.23
CA HIS C 126 8.55 21.59 -0.06
C HIS C 126 9.49 22.47 0.77
N ASP C 127 10.48 23.09 0.13
CA ASP C 127 11.52 23.86 0.85
C ASP C 127 10.97 25.06 1.61
N ALA C 128 10.07 25.82 0.97
CA ALA C 128 9.40 26.94 1.64
C ALA C 128 8.51 26.46 2.79
N VAL C 129 7.85 25.32 2.61
CA VAL C 129 7.06 24.72 3.69
C VAL C 129 7.97 24.31 4.86
N ASP C 130 9.03 23.55 4.54
CA ASP C 130 10.02 23.09 5.53
C ASP C 130 10.64 24.24 6.35
N ALA C 131 10.98 25.33 5.67
CA ALA C 131 11.59 26.52 6.31
C ALA C 131 10.66 27.17 7.35
N GLU C 132 9.36 27.23 7.04
CA GLU C 132 8.39 27.75 7.98
C GLU C 132 7.96 26.74 9.05
N ASP C 133 7.75 25.48 8.65
CA ASP C 133 7.24 24.48 9.60
C ASP C 133 7.70 23.07 9.25
N PRO C 134 8.80 22.62 9.88
CA PRO C 134 9.35 21.27 9.66
C PRO C 134 8.32 20.14 9.83
N SER C 135 7.37 20.32 10.75
CA SER C 135 6.33 19.31 11.02
C SER C 135 5.42 19.06 9.80
N THR C 136 5.06 20.14 9.11
CA THR C 136 4.25 20.07 7.90
C THR C 136 5.01 19.43 6.73
N ALA C 137 6.32 19.67 6.65
CA ALA C 137 7.15 19.03 5.61
C ALA C 137 7.11 17.51 5.71
N ASP C 138 7.05 16.98 6.94
CA ASP C 138 6.90 15.54 7.13
C ASP C 138 5.64 14.98 6.49
N LEU C 139 4.55 15.74 6.55
CA LEU C 139 3.30 15.35 5.87
C LEU C 139 3.50 15.34 4.36
N LEU C 140 4.24 16.32 3.85
CA LEU C 140 4.60 16.38 2.43
C LEU C 140 5.43 15.17 1.99
N HIS C 141 6.34 14.72 2.86
CA HIS C 141 7.17 13.55 2.58
C HIS C 141 6.33 12.30 2.40
N GLY C 142 5.33 12.13 3.27
CA GLY C 142 4.38 11.00 3.20
C GLY C 142 3.62 10.98 1.88
N LEU C 143 3.22 12.17 1.44
CA LEU C 143 2.51 12.31 0.17
C LEU C 143 3.39 11.98 -1.04
N ILE C 144 4.59 12.55 -1.08
CA ILE C 144 5.57 12.27 -2.12
C ILE C 144 5.78 10.75 -2.23
N ASP C 145 6.10 10.10 -1.11
CA ASP C 145 6.43 8.67 -1.14
C ASP C 145 5.26 7.78 -1.49
N GLY C 146 4.08 8.07 -0.94
CA GLY C 146 2.87 7.33 -1.30
C GLY C 146 2.52 7.45 -2.78
N LEU C 147 2.61 8.66 -3.31
CA LEU C 147 2.30 8.90 -4.71
C LEU C 147 3.34 8.32 -5.66
N GLU C 148 4.62 8.46 -5.30
CA GLU C 148 5.70 7.87 -6.10
C GLU C 148 5.62 6.34 -6.13
N LYS C 149 5.12 5.75 -5.04
CA LYS C 149 4.85 4.32 -4.98
C LYS C 149 3.75 3.94 -5.96
N GLN C 150 2.66 4.71 -5.94
CA GLN C 150 1.54 4.51 -6.88
C GLN C 150 2.01 4.63 -8.35
N ALA C 151 2.84 5.63 -8.61
CA ALA C 151 3.41 5.84 -9.95
C ALA C 151 4.18 4.60 -10.42
N TRP C 152 5.04 4.06 -9.54
CA TRP C 152 5.78 2.82 -9.83
C TRP C 152 4.83 1.64 -10.09
N LEU C 153 3.85 1.45 -9.19
CA LEU C 153 2.94 0.31 -9.29
C LEU C 153 2.09 0.33 -10.57
N ILE C 154 1.73 1.54 -11.02
CA ILE C 154 0.96 1.74 -12.25
C ILE C 154 1.84 1.66 -13.51
N ARG C 155 2.92 2.46 -13.55
CA ARG C 155 3.81 2.56 -14.72
C ARG C 155 4.44 1.23 -15.13
N SER C 156 4.68 0.34 -14.16
CA SER C 156 5.42 -0.90 -14.42
C SER C 156 4.72 -1.79 -15.46
N GLU C 157 3.39 -1.66 -15.56
CA GLU C 157 2.59 -2.37 -16.57
C GLU C 157 3.15 -2.14 -17.99
N ASN C 158 3.55 -0.91 -18.29
CA ASN C 158 4.01 -0.52 -19.62
C ASN C 158 5.52 -0.66 -19.86
N ARG C 159 6.28 -1.05 -18.83
CA ARG C 159 7.73 -1.15 -18.93
C ARG C 159 8.21 -2.26 -19.86
N LYS C 160 9.14 -1.92 -20.76
CA LYS C 160 9.80 -2.85 -21.69
C LYS C 160 10.76 -3.79 -20.94
N VAL C 161 11.30 -4.78 -21.66
CA VAL C 161 12.05 -5.91 -21.07
C VAL C 161 12.98 -5.55 -19.89
N MET D 1 -28.51 -30.83 -23.17
CA MET D 1 -28.66 -29.52 -23.88
C MET D 1 -30.11 -29.21 -24.27
N SER D 2 -31.06 -29.89 -23.63
CA SER D 2 -32.49 -29.85 -24.01
C SER D 2 -33.16 -28.48 -23.94
N ALA D 3 -32.74 -27.62 -23.01
CA ALA D 3 -33.26 -26.25 -22.93
C ALA D 3 -32.18 -25.17 -23.21
N ARG D 4 -30.95 -25.60 -23.46
CA ARG D 4 -29.82 -24.67 -23.65
C ARG D 4 -29.92 -23.86 -24.93
N ARG D 5 -29.79 -22.54 -24.80
CA ARG D 5 -29.67 -21.65 -25.95
C ARG D 5 -28.36 -21.94 -26.68
N THR D 6 -28.35 -21.72 -27.99
CA THR D 6 -27.18 -22.03 -28.81
C THR D 6 -26.39 -20.78 -29.26
N GLU D 7 -26.91 -19.59 -28.95
CA GLU D 7 -26.25 -18.32 -29.29
C GLU D 7 -24.85 -18.26 -28.68
N SER D 8 -23.89 -17.72 -29.44
CA SER D 8 -22.48 -17.67 -28.97
C SER D 8 -22.01 -16.30 -28.45
N ASP D 9 -22.54 -15.22 -29.00
CA ASP D 9 -22.32 -13.88 -28.47
C ASP D 9 -23.65 -13.23 -28.08
N ILE D 10 -24.25 -13.75 -27.00
CA ILE D 10 -25.45 -13.19 -26.38
C ILE D 10 -25.03 -11.87 -25.70
N GLN D 11 -25.65 -10.77 -26.14
CA GLN D 11 -25.30 -9.44 -25.64
C GLN D 11 -26.11 -9.01 -24.43
N GLY D 12 -25.55 -8.06 -23.67
CA GLY D 12 -26.20 -7.51 -22.49
C GLY D 12 -27.10 -6.33 -22.81
N PHE D 13 -27.88 -5.91 -21.83
CA PHE D 13 -28.75 -4.74 -21.93
C PHE D 13 -27.89 -3.48 -22.06
N HIS D 14 -28.20 -2.67 -23.08
CA HIS D 14 -27.49 -1.41 -23.36
C HIS D 14 -28.40 -0.22 -23.07
N ALA D 15 -27.87 0.77 -22.35
CA ALA D 15 -28.59 2.02 -22.08
C ALA D 15 -28.73 2.84 -23.36
N THR D 16 -29.89 3.47 -23.54
CA THR D 16 -30.08 4.50 -24.55
C THR D 16 -29.29 5.75 -24.13
N PRO D 17 -28.93 6.64 -25.09
CA PRO D 17 -28.34 7.94 -24.75
C PRO D 17 -29.14 8.75 -23.71
N GLU D 18 -30.46 8.60 -23.73
CA GLU D 18 -31.33 9.31 -22.78
C GLU D 18 -31.09 8.81 -21.35
N PHE D 19 -30.98 7.49 -21.22
CA PHE D 19 -30.68 6.84 -19.96
C PHE D 19 -29.29 7.20 -19.43
N GLY D 20 -28.28 7.07 -20.30
CA GLY D 20 -26.92 7.50 -20.00
C GLY D 20 -26.87 8.94 -19.51
N GLY D 21 -27.53 9.83 -20.26
CA GLY D 21 -27.62 11.26 -19.93
C GLY D 21 -28.29 11.52 -18.59
N ASN D 22 -29.33 10.76 -18.28
CA ASN D 22 -30.01 10.86 -16.98
C ASN D 22 -29.13 10.43 -15.79
N LEU D 23 -28.38 9.34 -15.96
CA LEU D 23 -27.42 8.91 -14.92
C LEU D 23 -26.29 9.91 -14.76
N GLN D 24 -25.84 10.48 -15.88
CA GLN D 24 -24.83 11.53 -15.90
C GLN D 24 -25.22 12.76 -15.07
N LYS D 25 -26.50 13.15 -15.10
CA LYS D 25 -27.03 14.24 -14.28
C LYS D 25 -26.91 13.92 -12.79
N VAL D 26 -27.29 12.70 -12.41
CA VAL D 26 -27.20 12.22 -11.03
C VAL D 26 -25.74 12.23 -10.57
N LEU D 27 -24.85 11.73 -11.43
CA LEU D 27 -23.42 11.60 -11.14
C LEU D 27 -22.76 12.92 -10.75
N VAL D 28 -22.95 13.97 -11.56
CA VAL D 28 -22.28 15.25 -11.31
C VAL D 28 -22.76 15.93 -10.03
N ASP D 29 -24.05 15.77 -9.70
CA ASP D 29 -24.60 16.37 -8.48
C ASP D 29 -24.15 15.66 -7.22
N LEU D 30 -23.95 14.35 -7.33
CA LEU D 30 -23.37 13.56 -6.24
C LEU D 30 -21.90 13.91 -5.98
N ILE D 31 -21.10 14.02 -7.06
CA ILE D 31 -19.71 14.46 -6.96
C ILE D 31 -19.58 15.88 -6.39
N GLU D 32 -20.38 16.80 -6.93
CA GLU D 32 -20.42 18.17 -6.42
C GLU D 32 -20.81 18.20 -4.94
N LEU D 33 -21.80 17.39 -4.56
CA LEU D 33 -22.20 17.29 -3.16
C LEU D 33 -21.06 16.80 -2.27
N SER D 34 -20.31 15.82 -2.79
CA SER D 34 -19.13 15.26 -2.09
C SER D 34 -18.06 16.32 -1.86
N LEU D 35 -17.77 17.12 -2.89
CA LEU D 35 -16.79 18.20 -2.78
C LEU D 35 -17.25 19.34 -1.85
N GLN D 36 -18.52 19.70 -1.94
CA GLN D 36 -19.11 20.73 -1.08
C GLN D 36 -19.19 20.25 0.39
N GLY D 37 -19.49 18.97 0.57
CA GLY D 37 -19.53 18.34 1.89
C GLY D 37 -18.20 18.40 2.62
N LYS D 38 -17.11 18.14 1.88
CA LYS D 38 -15.75 18.25 2.45
C LYS D 38 -15.36 19.68 2.75
N GLN D 39 -15.70 20.59 1.83
CA GLN D 39 -15.45 22.02 2.00
C GLN D 39 -16.08 22.52 3.30
N ALA D 40 -17.35 22.14 3.51
CA ALA D 40 -18.11 22.42 4.75
C ALA D 40 -17.49 21.75 5.98
N HIS D 41 -17.15 20.46 5.83
CA HIS D 41 -16.50 19.66 6.86
C HIS D 41 -15.22 20.33 7.41
N TRP D 42 -14.38 20.86 6.52
CA TRP D 42 -13.15 21.57 6.91
C TRP D 42 -13.44 22.94 7.52
N ASN D 43 -14.39 23.67 6.93
CA ASN D 43 -14.53 25.09 7.22
C ASN D 43 -15.63 25.50 8.20
N VAL D 44 -16.44 24.53 8.64
CA VAL D 44 -17.44 24.78 9.69
C VAL D 44 -16.77 25.17 11.02
N VAL D 45 -17.30 26.22 11.65
CA VAL D 45 -16.81 26.71 12.94
C VAL D 45 -18.01 27.08 13.83
N GLY D 46 -17.83 27.05 15.15
CA GLY D 46 -18.85 27.55 16.08
C GLY D 46 -19.59 26.49 16.89
N SER D 47 -20.72 26.91 17.50
CA SER D 47 -21.53 26.05 18.35
CA SER D 47 -21.55 26.06 18.35
C SER D 47 -21.87 24.72 17.70
N ASN D 48 -21.51 23.63 18.39
CA ASN D 48 -21.69 22.24 17.92
C ASN D 48 -20.89 21.88 16.68
N PHE D 49 -19.69 22.47 16.56
CA PHE D 49 -18.71 22.18 15.51
C PHE D 49 -18.53 20.67 15.27
N ARG D 50 -18.19 19.93 16.33
CA ARG D 50 -17.76 18.54 16.22
C ARG D 50 -18.82 17.63 15.59
N ASP D 51 -20.05 17.74 16.07
CA ASP D 51 -21.17 16.98 15.52
C ASP D 51 -21.31 17.19 14.03
N LEU D 52 -21.29 18.44 13.59
CA LEU D 52 -21.48 18.74 12.18
C LEU D 52 -20.28 18.33 11.35
N HIS D 53 -19.10 18.60 11.88
CA HIS D 53 -17.84 18.12 11.32
C HIS D 53 -17.91 16.60 11.01
N LEU D 54 -18.34 15.80 11.98
CA LEU D 54 -18.45 14.33 11.79
C LEU D 54 -19.60 13.96 10.86
N GLN D 55 -20.77 14.57 11.06
CA GLN D 55 -21.94 14.25 10.24
C GLN D 55 -21.67 14.53 8.77
N LEU D 56 -20.99 15.63 8.49
CA LEU D 56 -20.59 16.01 7.13
C LEU D 56 -19.71 14.96 6.45
N ASP D 57 -18.76 14.39 7.20
CA ASP D 57 -17.98 13.27 6.66
C ASP D 57 -18.83 12.07 6.27
N GLU D 58 -19.83 11.76 7.10
CA GLU D 58 -20.77 10.67 6.83
C GLU D 58 -21.57 10.94 5.55
N LEU D 59 -21.99 12.18 5.37
CA LEU D 59 -22.62 12.63 4.13
C LEU D 59 -21.69 12.39 2.93
N VAL D 60 -20.44 12.83 3.05
CA VAL D 60 -19.44 12.65 1.99
C VAL D 60 -19.25 11.17 1.61
N ASP D 61 -19.10 10.31 2.63
CA ASP D 61 -18.99 8.86 2.41
C ASP D 61 -20.16 8.31 1.58
N PHE D 62 -21.38 8.71 1.95
CA PHE D 62 -22.57 8.25 1.24
C PHE D 62 -22.63 8.74 -0.20
N ALA D 63 -22.33 10.03 -0.41
CA ALA D 63 -22.33 10.60 -1.75
C ALA D 63 -21.21 10.00 -2.62
N ARG D 64 -20.05 9.72 -2.02
CA ARG D 64 -18.93 9.08 -2.76
C ARG D 64 -19.27 7.64 -3.18
N GLU D 65 -19.87 6.86 -2.27
CA GLU D 65 -20.36 5.51 -2.60
C GLU D 65 -21.42 5.59 -3.70
N GLY D 66 -22.31 6.57 -3.59
CA GLY D 66 -23.35 6.81 -4.59
C GLY D 66 -22.85 7.12 -5.98
N SER D 67 -21.91 8.05 -6.09
CA SER D 67 -21.33 8.42 -7.39
C SER D 67 -20.64 7.23 -8.05
N ASP D 68 -19.87 6.47 -7.26
CA ASP D 68 -19.22 5.28 -7.77
C ASP D 68 -20.24 4.26 -8.28
N THR D 69 -21.31 4.03 -7.53
CA THR D 69 -22.42 3.15 -7.93
C THR D 69 -23.04 3.62 -9.25
N ILE D 70 -23.38 4.91 -9.34
CA ILE D 70 -23.98 5.46 -10.57
C ILE D 70 -23.06 5.31 -11.79
N ALA D 71 -21.79 5.66 -11.62
CA ALA D 71 -20.79 5.56 -12.68
C ALA D 71 -20.59 4.12 -13.13
N GLU D 72 -20.59 3.19 -12.18
CA GLU D 72 -20.42 1.77 -12.51
C GLU D 72 -21.65 1.19 -13.18
N GLU D 73 -22.83 1.69 -12.80
CA GLU D 73 -24.08 1.35 -13.46
C GLU D 73 -24.07 1.83 -14.91
N MET D 74 -23.53 3.02 -15.15
CA MET D 74 -23.32 3.52 -16.53
C MET D 74 -22.41 2.59 -17.32
N ARG D 75 -21.27 2.25 -16.73
CA ARG D 75 -20.30 1.34 -17.33
C ARG D 75 -20.90 -0.01 -17.70
N ALA D 76 -21.66 -0.60 -16.78
CA ALA D 76 -22.28 -1.91 -16.99
C ALA D 76 -23.21 -1.89 -18.19
N LEU D 77 -23.93 -0.77 -18.36
CA LEU D 77 -24.86 -0.57 -19.45
C LEU D 77 -24.27 0.12 -20.69
N ASP D 78 -22.93 0.18 -20.76
CA ASP D 78 -22.18 0.66 -21.96
C ASP D 78 -22.21 2.18 -22.15
N ALA D 79 -22.57 2.91 -21.08
CA ALA D 79 -22.47 4.37 -21.04
C ALA D 79 -21.13 4.77 -20.43
N VAL D 80 -20.70 6.01 -20.72
CA VAL D 80 -19.38 6.47 -20.32
C VAL D 80 -19.51 7.69 -19.39
N PRO D 81 -19.33 7.48 -18.06
CA PRO D 81 -19.40 8.57 -17.09
C PRO D 81 -18.35 9.66 -17.32
N ASP D 82 -18.72 10.89 -16.99
CA ASP D 82 -17.76 11.97 -16.92
C ASP D 82 -17.86 12.63 -15.55
N GLY D 83 -16.89 12.31 -14.70
CA GLY D 83 -16.82 12.88 -13.35
C GLY D 83 -15.66 13.84 -13.15
N ARG D 84 -15.17 14.43 -14.24
CA ARG D 84 -14.01 15.34 -14.19
C ARG D 84 -14.43 16.70 -13.62
N SER D 85 -13.47 17.39 -12.99
CA SER D 85 -13.76 18.65 -12.28
C SER D 85 -14.45 19.72 -13.15
N ASP D 86 -13.93 19.93 -14.36
CA ASP D 86 -14.50 20.89 -15.31
C ASP D 86 -15.96 20.59 -15.61
N THR D 87 -16.27 19.31 -15.84
CA THR D 87 -17.62 18.85 -16.20
C THR D 87 -18.58 19.04 -15.03
N VAL D 88 -18.15 18.58 -13.84
CA VAL D 88 -18.91 18.74 -12.60
C VAL D 88 -19.27 20.23 -12.37
N ALA D 89 -18.29 21.12 -12.44
CA ALA D 89 -18.50 22.56 -12.23
C ALA D 89 -19.43 23.18 -13.27
N ALA D 90 -19.23 22.83 -14.55
CA ALA D 90 -20.02 23.37 -15.67
C ALA D 90 -21.47 22.85 -15.70
N THR D 91 -21.73 21.69 -15.09
CA THR D 91 -23.02 21.01 -15.28
C THR D 91 -23.81 20.71 -13.98
N THR D 92 -23.18 20.85 -12.82
CA THR D 92 -23.90 20.61 -11.57
C THR D 92 -25.10 21.56 -11.44
N THR D 93 -26.18 21.06 -10.85
CA THR D 93 -27.34 21.93 -10.61
C THR D 93 -27.32 22.55 -9.21
N LEU D 94 -26.37 22.13 -8.38
CA LEU D 94 -26.29 22.62 -7.00
C LEU D 94 -25.78 24.06 -6.96
N PRO D 95 -26.38 24.91 -6.10
CA PRO D 95 -25.76 26.23 -5.92
C PRO D 95 -24.38 26.08 -5.31
N GLU D 96 -23.47 26.96 -5.72
CA GLU D 96 -22.09 26.96 -5.24
C GLU D 96 -22.03 27.06 -3.72
N PHE D 97 -21.10 26.33 -3.12
CA PHE D 97 -20.79 26.48 -1.71
C PHE D 97 -19.91 27.70 -1.53
N PRO D 98 -20.19 28.54 -0.51
CA PRO D 98 -19.35 29.74 -0.35
C PRO D 98 -17.91 29.42 0.08
N ALA D 99 -17.01 30.37 -0.14
CA ALA D 99 -15.65 30.27 0.36
C ALA D 99 -15.64 30.62 1.85
N PHE D 100 -14.51 30.34 2.49
CA PHE D 100 -14.20 30.80 3.86
C PHE D 100 -14.94 30.02 4.96
N GLU D 101 -14.57 30.30 6.20
CA GLU D 101 -15.21 29.72 7.37
C GLU D 101 -16.67 30.15 7.44
N ARG D 102 -17.55 29.22 7.79
CA ARG D 102 -18.96 29.51 7.99
C ARG D 102 -19.43 28.89 9.29
N SER D 103 -20.32 29.60 9.98
CA SER D 103 -20.93 29.12 11.22
C SER D 103 -21.65 27.79 11.03
N THR D 104 -21.72 27.01 12.10
CA THR D 104 -22.53 25.79 12.16
C THR D 104 -23.97 26.01 11.65
N ALA D 105 -24.63 27.07 12.13
CA ALA D 105 -26.00 27.38 11.71
C ALA D 105 -26.11 27.60 10.20
N ASP D 106 -25.17 28.36 9.63
CA ASP D 106 -25.16 28.62 8.18
C ASP D 106 -24.82 27.37 7.38
N VAL D 107 -23.85 26.59 7.85
CA VAL D 107 -23.47 25.33 7.19
C VAL D 107 -24.65 24.35 7.16
N VAL D 108 -25.35 24.21 8.29
CA VAL D 108 -26.58 23.39 8.37
C VAL D 108 -27.58 23.77 7.27
N ASP D 109 -27.88 25.06 7.13
CA ASP D 109 -28.84 25.54 6.12
C ASP D 109 -28.32 25.33 4.69
N LEU D 110 -27.08 25.73 4.45
CA LEU D 110 -26.45 25.60 3.13
C LEU D 110 -26.46 24.15 2.65
N ILE D 111 -25.95 23.26 3.51
CA ILE D 111 -25.79 21.84 3.16
C ILE D 111 -27.12 21.12 2.97
N THR D 112 -28.09 21.39 3.84
CA THR D 112 -29.46 20.87 3.69
C THR D 112 -30.03 21.19 2.30
N THR D 113 -29.85 22.43 1.85
CA THR D 113 -30.30 22.90 0.54
C THR D 113 -29.64 22.12 -0.60
N ARG D 114 -28.34 21.89 -0.47
CA ARG D 114 -27.60 21.18 -1.51
C ARG D 114 -27.92 19.69 -1.56
N ILE D 115 -28.21 19.10 -0.39
CA ILE D 115 -28.73 17.72 -0.32
C ILE D 115 -30.09 17.66 -1.04
N ASN D 116 -30.97 18.59 -0.69
CA ASN D 116 -32.32 18.68 -1.28
C ASN D 116 -32.27 18.81 -2.81
N ALA D 117 -31.40 19.67 -3.31
CA ALA D 117 -31.16 19.80 -4.77
C ALA D 117 -30.65 18.51 -5.42
N THR D 118 -29.81 17.75 -4.71
CA THR D 118 -29.32 16.46 -5.21
C THR D 118 -30.46 15.43 -5.29
N VAL D 119 -31.26 15.35 -4.24
CA VAL D 119 -32.46 14.50 -4.24
C VAL D 119 -33.40 14.91 -5.39
N ASP D 120 -33.62 16.23 -5.54
CA ASP D 120 -34.40 16.78 -6.67
C ASP D 120 -33.98 16.22 -8.01
N THR D 121 -32.67 16.23 -8.30
CA THR D 121 -32.11 15.71 -9.54
C THR D 121 -32.51 14.26 -9.76
N ILE D 122 -32.32 13.44 -8.72
CA ILE D 122 -32.68 12.01 -8.78
C ILE D 122 -34.19 11.82 -9.03
N ARG D 123 -35.01 12.55 -8.27
CA ARG D 123 -36.47 12.50 -8.42
C ARG D 123 -36.91 12.95 -9.82
N ARG D 124 -36.21 13.93 -10.39
CA ARG D 124 -36.48 14.45 -11.75
C ARG D 124 -36.24 13.43 -12.85
N VAL D 125 -35.20 12.60 -12.69
CA VAL D 125 -34.89 11.56 -13.69
C VAL D 125 -35.54 10.20 -13.38
N HIS D 126 -36.07 10.06 -12.16
CA HIS D 126 -36.58 8.77 -11.65
C HIS D 126 -37.48 8.02 -12.65
N ASP D 127 -38.55 8.67 -13.09
CA ASP D 127 -39.56 8.01 -13.92
C ASP D 127 -39.02 7.55 -15.27
N ALA D 128 -38.23 8.39 -15.93
CA ALA D 128 -37.57 8.01 -17.19
C ALA D 128 -36.61 6.82 -17.00
N VAL D 129 -35.90 6.80 -15.87
CA VAL D 129 -34.99 5.70 -15.54
C VAL D 129 -35.78 4.40 -15.30
N ASP D 130 -36.80 4.50 -14.44
CA ASP D 130 -37.68 3.37 -14.12
C ASP D 130 -38.31 2.72 -15.36
N ALA D 131 -38.82 3.56 -16.27
CA ALA D 131 -39.44 3.12 -17.52
C ALA D 131 -38.50 2.31 -18.41
N GLU D 132 -37.24 2.73 -18.51
CA GLU D 132 -36.25 1.99 -19.29
C GLU D 132 -35.65 0.80 -18.52
N ASP D 133 -35.34 0.97 -17.25
CA ASP D 133 -34.67 -0.09 -16.50
C ASP D 133 -35.03 -0.11 -15.02
N PRO D 134 -36.06 -0.92 -14.65
CA PRO D 134 -36.55 -0.99 -13.27
C PRO D 134 -35.45 -1.23 -12.23
N SER D 135 -34.43 -2.01 -12.59
CA SER D 135 -33.32 -2.32 -11.66
C SER D 135 -32.52 -1.10 -11.25
N THR D 136 -32.24 -0.21 -12.22
CA THR D 136 -31.52 1.03 -11.93
C THR D 136 -32.33 1.99 -11.06
N ALA D 137 -33.65 2.01 -11.24
CA ALA D 137 -34.52 2.84 -10.38
C ALA D 137 -34.40 2.49 -8.88
N ASP D 138 -34.16 1.21 -8.57
CA ASP D 138 -33.90 0.76 -7.20
C ASP D 138 -32.66 1.39 -6.60
N LEU D 139 -31.59 1.51 -7.40
CA LEU D 139 -30.38 2.22 -6.97
C LEU D 139 -30.71 3.69 -6.67
N LEU D 140 -31.56 4.28 -7.49
CA LEU D 140 -32.02 5.65 -7.25
C LEU D 140 -32.77 5.77 -5.91
N HIS D 141 -33.62 4.78 -5.62
CA HIS D 141 -34.37 4.76 -4.35
C HIS D 141 -33.43 4.76 -3.14
N GLY D 142 -32.38 3.93 -3.19
CA GLY D 142 -31.33 3.87 -2.16
C GLY D 142 -30.66 5.22 -1.96
N LEU D 143 -30.35 5.89 -3.07
CA LEU D 143 -29.76 7.23 -3.04
C LEU D 143 -30.67 8.28 -2.44
N ILE D 144 -31.92 8.32 -2.89
CA ILE D 144 -32.93 9.24 -2.35
C ILE D 144 -33.03 9.09 -0.83
N ASP D 145 -33.20 7.84 -0.40
CA ASP D 145 -33.42 7.51 1.00
C ASP D 145 -32.24 7.85 1.90
N GLY D 146 -31.05 7.50 1.44
CA GLY D 146 -29.83 7.80 2.21
C GLY D 146 -29.61 9.30 2.32
N LEU D 147 -29.83 10.01 1.21
CA LEU D 147 -29.65 11.45 1.20
C LEU D 147 -30.69 12.19 2.05
N GLU D 148 -31.94 11.71 2.02
CA GLU D 148 -33.01 12.35 2.79
C GLU D 148 -32.84 12.15 4.29
N LYS D 149 -32.28 11.00 4.68
CA LYS D 149 -31.85 10.74 6.05
C LYS D 149 -30.75 11.71 6.48
N GLN D 150 -29.73 11.88 5.64
CA GLN D 150 -28.66 12.84 5.91
C GLN D 150 -29.20 14.25 6.10
N ALA D 151 -30.11 14.66 5.21
CA ALA D 151 -30.81 15.94 5.30
C ALA D 151 -31.47 16.14 6.67
N TRP D 152 -32.21 15.14 7.12
CA TRP D 152 -32.88 15.16 8.42
C TRP D 152 -31.87 15.26 9.56
N LEU D 153 -30.84 14.42 9.52
CA LEU D 153 -29.82 14.39 10.56
C LEU D 153 -29.02 15.69 10.66
N ILE D 154 -28.87 16.40 9.54
CA ILE D 154 -28.16 17.68 9.50
C ILE D 154 -29.09 18.85 9.89
N ARG D 155 -30.23 18.96 9.21
CA ARG D 155 -31.16 20.11 9.41
C ARG D 155 -31.74 20.20 10.82
N SER D 156 -31.83 19.08 11.53
CA SER D 156 -32.47 19.04 12.85
C SER D 156 -31.77 19.94 13.86
N GLU D 157 -30.47 20.19 13.63
CA GLU D 157 -29.66 21.12 14.44
C GLU D 157 -30.28 22.52 14.54
N ASN D 158 -30.85 23.00 13.43
CA ASN D 158 -31.39 24.36 13.32
C ASN D 158 -32.88 24.48 13.64
N ARG D 159 -33.53 23.33 13.85
CA ARG D 159 -34.96 23.30 14.14
C ARG D 159 -35.31 24.01 15.43
N LYS D 160 -36.26 24.95 15.33
CA LYS D 160 -36.74 25.72 16.46
C LYS D 160 -38.18 25.30 16.74
N VAL D 161 -38.38 24.65 17.89
CA VAL D 161 -39.70 24.22 18.35
C VAL D 161 -39.84 24.66 19.81
MG MG E . 10.21 -14.07 30.86
CL CL F . 4.88 -12.60 26.59
FE FE G . 6.38 -5.32 -1.39
CL CL H . -5.84 -8.65 -7.51
FE FE I . 9.90 -19.79 13.22
FE FE J . -11.60 15.02 7.93
MG MG K . -22.72 18.16 19.85
FE FE L . -15.49 1.33 -8.13
#